data_5ZJG
#
_entry.id   5ZJG
#
_cell.length_a   43.537
_cell.length_b   53.942
_cell.length_c   107.260
_cell.angle_alpha   91.45
_cell.angle_beta   100.19
_cell.angle_gamma   108.08
#
_symmetry.space_group_name_H-M   'P 1'
#
loop_
_entity.id
_entity.type
_entity.pdbx_description
1 polymer 'Gamma-glutamyltransferase 1 Threonine peptidase. MEROPS family T03 L-subunit'
2 polymer 'Gamma-glutamyltransferase 1 Threonine peptidase. MEROPS family T03 S-subunit'
3 non-polymer GLYCINE
4 non-polymer GLYCEROL
5 water water
#
loop_
_entity_poly.entity_id
_entity_poly.type
_entity_poly.pdbx_seq_one_letter_code
_entity_poly.pdbx_strand_id
1 'polypeptide(L)'
;VTLDGGAVAAPDQYGAKVAAEILKKGGNAVDAAVATAFTLAVTYPEAGNIGGGGFMTLYVDGKPYFLDYREIAPKAATKT
MYLNEKGEVIENLSLVGAKAAGVPGTVMGLWEAHQRFGKLKWSELLTPAIGYAQTGFKVADQQYQYRQDAIALFNGKTNF
GDYFGTMKPGEVFKQPELAKTLERIADKGPDDFYKGETAKLLIAQMKQDGGLITSDDLVDYQAKWREPMRIDWQGNTLYT
APLPSSGGIALAQLIGIKEQRAADFKGVELNSAKYIHLLSEIEKRVFADRADYLGDPQFSKVPVAQLTDPKYIAKRAGEV
NPDAISATEKVRPGLEPHQ
;
A,C
2 'polypeptide(L)'
;TTHFSIVDKDGNAVSNTYTLNWDFGSGVVVKGAGFLLNDEMDDFSSKPGVANAFGVVGSDANAIEPGKRMLSSMSPSIVT
RDGHVSLVLGTPGGSRIFTSIFQVLNNVYDFHLPLEKAVAAQRVHHQLLPKDTIYYDAYAPLTGKVADELKAMGYTLEDQ
GWNMGDIQAIRVNGKALETASDPRGRGVGMVVKP
;
B,D
#
# COMPACT_ATOMS: atom_id res chain seq x y z
N THR A 2 -15.19 8.33 -33.43
CA THR A 2 -16.19 7.70 -32.57
C THR A 2 -16.47 6.26 -33.03
N LEU A 3 -15.73 5.33 -32.47
CA LEU A 3 -15.77 3.93 -32.85
C LEU A 3 -16.93 3.20 -32.17
N ASP A 4 -17.17 1.96 -32.62
CA ASP A 4 -18.15 1.07 -32.00
C ASP A 4 -17.84 0.79 -30.53
N GLY A 5 -16.66 1.13 -30.05
CA GLY A 5 -16.25 0.85 -28.69
C GLY A 5 -14.73 0.98 -28.60
N GLY A 6 -14.20 0.49 -27.49
CA GLY A 6 -12.77 0.34 -27.31
C GLY A 6 -12.37 -1.11 -27.35
N ALA A 7 -11.07 -1.35 -27.16
CA ALA A 7 -10.63 -2.73 -27.17
C ALA A 7 -9.27 -2.84 -26.49
N VAL A 8 -8.99 -4.03 -25.97
CA VAL A 8 -7.69 -4.35 -25.39
C VAL A 8 -7.26 -5.72 -25.89
N ALA A 9 -5.98 -5.88 -26.14
CA ALA A 9 -5.33 -7.18 -26.28
C ALA A 9 -4.19 -7.20 -25.28
N ALA A 10 -4.31 -8.04 -24.26
CA ALA A 10 -3.34 -8.05 -23.17
C ALA A 10 -2.75 -9.45 -23.01
N PRO A 11 -1.56 -9.57 -22.43
CA PRO A 11 -0.90 -10.88 -22.36
C PRO A 11 -1.43 -11.79 -21.27
N ASP A 12 -2.36 -11.36 -20.43
CA ASP A 12 -3.07 -12.29 -19.56
C ASP A 12 -4.48 -11.75 -19.31
N GLN A 13 -5.27 -12.56 -18.60
CA GLN A 13 -6.68 -12.26 -18.40
C GLN A 13 -6.88 -11.07 -17.49
N TYR A 14 -5.91 -10.82 -16.60
CA TYR A 14 -6.04 -9.78 -15.60
C TYR A 14 -5.80 -8.42 -16.21
N GLY A 15 -4.73 -8.29 -17.02
CA GLY A 15 -4.53 -7.06 -17.76
C GLY A 15 -5.72 -6.73 -18.65
N ALA A 16 -6.27 -7.74 -19.32
CA ALA A 16 -7.39 -7.47 -20.21
C ALA A 16 -8.62 -7.00 -19.42
N LYS A 17 -8.92 -7.65 -18.31
CA LYS A 17 -10.06 -7.25 -17.50
C LYS A 17 -9.92 -5.82 -17.00
N VAL A 18 -8.74 -5.47 -16.52
CA VAL A 18 -8.53 -4.14 -15.96
C VAL A 18 -8.63 -3.07 -17.05
N ALA A 19 -7.97 -3.29 -18.19
CA ALA A 19 -8.10 -2.33 -19.29
C ALA A 19 -9.56 -2.10 -19.65
N ALA A 20 -10.31 -3.19 -19.79
CA ALA A 20 -11.71 -3.10 -20.18
C ALA A 20 -12.52 -2.30 -19.16
N GLU A 21 -12.30 -2.57 -17.87
CA GLU A 21 -12.99 -1.83 -16.83
C GLU A 21 -12.66 -0.33 -16.90
N ILE A 22 -11.38 0.00 -17.07
CA ILE A 22 -11.01 1.42 -17.10
C ILE A 22 -11.65 2.12 -18.28
N LEU A 23 -11.64 1.48 -19.45
CA LEU A 23 -12.34 2.03 -20.61
C LEU A 23 -13.82 2.21 -20.32
N LYS A 24 -14.44 1.21 -19.71
CA LYS A 24 -15.87 1.30 -19.44
C LYS A 24 -16.18 2.41 -18.44
N LYS A 25 -15.27 2.64 -17.49
CA LYS A 25 -15.42 3.68 -16.47
C LYS A 25 -15.11 5.07 -16.99
N GLY A 26 -14.70 5.21 -18.24
CA GLY A 26 -14.53 6.51 -18.83
C GLY A 26 -13.10 6.94 -19.03
N GLY A 27 -12.16 6.10 -18.66
CA GLY A 27 -10.76 6.39 -18.93
C GLY A 27 -10.45 6.26 -20.40
N ASN A 28 -9.42 6.98 -20.85
CA ASN A 28 -9.00 6.84 -22.23
C ASN A 28 -7.96 5.72 -22.35
N ALA A 29 -7.41 5.56 -23.55
CA ALA A 29 -6.48 4.47 -23.78
C ALA A 29 -5.25 4.60 -22.89
N VAL A 30 -4.87 5.82 -22.52
CA VAL A 30 -3.68 5.99 -21.69
C VAL A 30 -3.98 5.62 -20.25
N ASP A 31 -5.12 6.06 -19.73
CA ASP A 31 -5.58 5.59 -18.42
C ASP A 31 -5.58 4.07 -18.36
N ALA A 32 -6.20 3.43 -19.36
CA ALA A 32 -6.27 1.98 -19.39
C ALA A 32 -4.88 1.35 -19.45
N ALA A 33 -3.98 1.94 -20.24
CA ALA A 33 -2.61 1.42 -20.35
C ALA A 33 -1.88 1.48 -19.02
N VAL A 34 -2.00 2.60 -18.31
CA VAL A 34 -1.33 2.72 -17.01
C VAL A 34 -1.85 1.67 -16.04
N ALA A 35 -3.17 1.55 -15.94
CA ALA A 35 -3.74 0.54 -15.05
C ALA A 35 -3.31 -0.87 -15.45
N THR A 36 -3.26 -1.14 -16.76
CA THR A 36 -2.86 -2.46 -17.23
C THR A 36 -1.41 -2.74 -16.89
N ALA A 37 -0.55 -1.74 -17.05
CA ALA A 37 0.87 -1.93 -16.81
C ALA A 37 1.15 -2.19 -15.34
N PHE A 38 0.44 -1.50 -14.43
CA PHE A 38 0.62 -1.81 -13.02
C PHE A 38 0.02 -3.18 -12.68
N THR A 39 -1.12 -3.54 -13.28
CA THR A 39 -1.69 -4.87 -13.03
C THR A 39 -0.70 -5.97 -13.41
N LEU A 40 -0.09 -5.87 -14.59
CA LEU A 40 0.80 -6.92 -15.04
C LEU A 40 2.10 -6.94 -14.23
N ALA A 41 2.44 -5.83 -13.57
CA ALA A 41 3.55 -5.86 -12.63
C ALA A 41 3.27 -6.74 -11.44
N VAL A 42 2.01 -7.06 -11.19
CA VAL A 42 1.61 -8.00 -10.15
C VAL A 42 1.38 -9.39 -10.73
N THR A 43 0.60 -9.51 -11.80
CA THR A 43 0.14 -10.80 -12.28
C THR A 43 1.08 -11.45 -13.28
N TYR A 44 2.03 -10.71 -13.84
CA TYR A 44 2.92 -11.21 -14.88
C TYR A 44 4.37 -10.91 -14.49
N PRO A 45 4.79 -11.33 -13.29
CA PRO A 45 6.08 -10.84 -12.74
C PRO A 45 7.30 -11.27 -13.55
N GLU A 46 7.16 -12.23 -14.45
CA GLU A 46 8.30 -12.60 -15.29
C GLU A 46 8.67 -11.48 -16.26
N ALA A 47 7.74 -10.56 -16.52
CA ALA A 47 7.98 -9.50 -17.49
C ALA A 47 7.29 -8.19 -17.12
N GLY A 48 5.99 -8.23 -16.83
CA GLY A 48 5.37 -7.05 -16.26
C GLY A 48 6.10 -6.61 -15.01
N ASN A 49 6.19 -5.31 -14.79
CA ASN A 49 7.19 -4.86 -13.82
C ASN A 49 6.98 -3.42 -13.39
N ILE A 50 7.55 -3.13 -12.22
CA ILE A 50 7.96 -1.77 -11.86
C ILE A 50 9.48 -1.64 -11.74
N GLY A 51 10.23 -2.74 -11.85
CA GLY A 51 11.67 -2.73 -11.71
C GLY A 51 12.44 -2.81 -13.02
N GLY A 52 11.76 -2.66 -14.15
CA GLY A 52 12.38 -2.69 -15.46
C GLY A 52 12.10 -1.41 -16.23
N GLY A 53 11.83 -1.54 -17.53
CA GLY A 53 11.61 -0.38 -18.39
C GLY A 53 10.92 -0.81 -19.66
N GLY A 54 10.69 0.15 -20.54
CA GLY A 54 9.93 -0.16 -21.74
C GLY A 54 9.70 1.08 -22.56
N PHE A 55 8.82 0.93 -23.55
CA PHE A 55 8.50 1.92 -24.55
C PHE A 55 6.99 1.96 -24.76
N MET A 56 6.46 3.16 -24.98
CA MET A 56 5.04 3.32 -25.32
C MET A 56 4.91 4.13 -26.61
N THR A 57 4.19 3.59 -27.60
CA THR A 57 3.82 4.34 -28.79
C THR A 57 2.34 4.70 -28.66
N LEU A 58 2.00 5.96 -28.94
CA LEU A 58 0.65 6.46 -28.71
C LEU A 58 0.17 7.14 -29.99
N TYR A 59 -1.14 7.14 -30.16
CA TYR A 59 -1.81 7.97 -31.16
C TYR A 59 -2.98 8.61 -30.43
N VAL A 60 -2.93 9.92 -30.24
CA VAL A 60 -3.91 10.62 -29.41
C VAL A 60 -4.38 11.85 -30.16
N ASP A 61 -5.69 11.95 -30.35
CA ASP A 61 -6.30 13.06 -31.08
C ASP A 61 -5.58 13.32 -32.40
N GLY A 62 -5.37 12.24 -33.16
CA GLY A 62 -4.79 12.36 -34.49
C GLY A 62 -3.31 12.70 -34.53
N LYS A 63 -2.58 12.52 -33.43
CA LYS A 63 -1.16 12.84 -33.40
C LYS A 63 -0.36 11.69 -32.79
N PRO A 64 0.78 11.32 -33.37
CA PRO A 64 1.61 10.26 -32.80
C PRO A 64 2.57 10.75 -31.73
N TYR A 65 2.80 9.89 -30.72
CA TYR A 65 3.77 10.18 -29.68
C TYR A 65 4.55 8.91 -29.36
N PHE A 66 5.71 9.10 -28.73
CA PHE A 66 6.54 7.99 -28.26
C PHE A 66 7.18 8.34 -26.93
N LEU A 67 7.06 7.45 -25.95
CA LEU A 67 7.62 7.66 -24.62
C LEU A 67 8.64 6.57 -24.36
N ASP A 68 9.88 7.00 -24.07
CA ASP A 68 11.01 6.13 -23.80
C ASP A 68 11.22 6.09 -22.29
N TYR A 69 10.93 4.95 -21.68
CA TYR A 69 11.21 4.71 -20.28
C TYR A 69 12.09 3.47 -20.12
N ARG A 70 13.05 3.37 -21.04
CA ARG A 70 14.10 2.38 -20.98
C ARG A 70 15.04 2.68 -19.82
N GLU A 71 15.54 1.61 -19.20
CA GLU A 71 16.55 1.74 -18.15
C GLU A 71 17.80 2.42 -18.67
N ILE A 72 18.52 3.07 -17.74
CA ILE A 72 19.84 3.66 -18.03
C ILE A 72 20.92 2.96 -17.21
N ALA A 73 22.14 2.93 -17.76
CA ALA A 73 23.26 2.40 -17.02
C ALA A 73 23.49 3.22 -15.75
N PRO A 74 23.77 2.58 -14.62
CA PRO A 74 24.18 3.34 -13.44
C PRO A 74 25.41 4.18 -13.73
N LYS A 75 25.54 5.28 -12.97
CA LYS A 75 26.66 6.20 -13.14
C LYS A 75 28.00 5.53 -12.90
N ALA A 76 28.04 4.47 -12.09
CA ALA A 76 29.29 3.76 -11.84
C ALA A 76 29.60 2.69 -12.87
N ALA A 77 28.74 2.51 -13.87
CA ALA A 77 28.97 1.50 -14.89
C ALA A 77 30.17 1.87 -15.75
N THR A 78 30.88 0.85 -16.23
CA THR A 78 32.06 1.03 -17.04
C THR A 78 32.02 0.08 -18.22
N LYS A 79 32.76 0.45 -19.26
CA LYS A 79 32.79 -0.35 -20.49
C LYS A 79 33.08 -1.82 -20.21
N THR A 80 34.06 -2.10 -19.34
CA THR A 80 34.56 -3.46 -19.16
C THR A 80 34.04 -4.14 -17.91
N MET A 81 32.90 -3.69 -17.37
CA MET A 81 32.45 -4.14 -16.06
C MET A 81 32.11 -5.62 -16.01
N TYR A 82 31.81 -6.26 -17.15
CA TYR A 82 31.48 -7.68 -17.15
C TYR A 82 32.63 -8.58 -17.59
N LEU A 83 33.85 -8.06 -17.64
CA LEU A 83 35.01 -8.84 -18.05
C LEU A 83 35.90 -9.14 -16.85
N ASN A 84 36.52 -10.30 -16.86
CA ASN A 84 37.41 -10.71 -15.79
C ASN A 84 38.82 -10.23 -16.11
N GLU A 85 39.80 -10.60 -15.26
CA GLU A 85 41.15 -10.10 -15.41
C GLU A 85 41.83 -10.60 -16.68
N LYS A 86 41.26 -11.63 -17.33
CA LYS A 86 41.75 -12.08 -18.63
C LYS A 86 40.99 -11.45 -19.79
N GLY A 87 40.06 -10.53 -19.51
CA GLY A 87 39.28 -9.89 -20.54
C GLY A 87 38.15 -10.74 -21.09
N GLU A 88 37.82 -11.85 -20.45
CA GLU A 88 36.73 -12.71 -20.89
C GLU A 88 35.44 -12.32 -20.16
N VAL A 89 34.30 -12.57 -20.82
CA VAL A 89 33.02 -12.25 -20.19
C VAL A 89 32.81 -13.18 -19.00
N ILE A 90 32.42 -12.59 -17.86
CA ILE A 90 32.10 -13.37 -16.67
C ILE A 90 30.70 -13.96 -16.82
N GLU A 91 30.60 -15.28 -16.66
CA GLU A 91 29.35 -15.98 -16.93
C GLU A 91 28.21 -15.42 -16.08
N ASN A 92 27.19 -14.90 -16.75
CA ASN A 92 25.92 -14.48 -16.17
C ASN A 92 26.03 -13.22 -15.33
N LEU A 93 27.19 -12.55 -15.32
CA LEU A 93 27.29 -11.33 -14.51
C LEU A 93 26.37 -10.23 -15.03
N SER A 94 26.11 -10.20 -16.34
CA SER A 94 25.20 -9.22 -16.91
C SER A 94 23.74 -9.70 -16.92
N LEU A 95 23.47 -10.88 -16.37
CA LEU A 95 22.14 -11.47 -16.41
C LEU A 95 21.57 -11.85 -15.05
N VAL A 96 22.42 -12.20 -14.08
CA VAL A 96 22.00 -12.67 -12.76
C VAL A 96 22.64 -11.78 -11.71
N GLY A 97 21.84 -11.26 -10.79
CA GLY A 97 22.34 -10.49 -9.66
C GLY A 97 22.27 -9.00 -9.91
N ALA A 98 22.68 -8.25 -8.88
CA ALA A 98 22.34 -6.83 -8.83
C ALA A 98 23.11 -6.01 -9.87
N LYS A 99 24.31 -6.44 -10.26
CA LYS A 99 25.10 -5.70 -11.23
C LYS A 99 24.53 -5.80 -12.64
N ALA A 100 23.58 -6.71 -12.87
CA ALA A 100 22.90 -6.84 -14.15
C ALA A 100 21.78 -5.82 -14.34
N ALA A 101 21.50 -4.98 -13.34
CA ALA A 101 20.33 -4.12 -13.37
C ALA A 101 20.66 -2.74 -13.92
N GLY A 102 19.83 -2.26 -14.84
CA GLY A 102 19.80 -0.86 -15.18
C GLY A 102 18.84 -0.12 -14.25
N VAL A 103 18.94 1.20 -14.24
CA VAL A 103 18.07 2.02 -13.39
C VAL A 103 16.63 1.89 -13.91
N PRO A 104 15.66 1.48 -13.08
CA PRO A 104 14.32 1.20 -13.61
C PRO A 104 13.60 2.45 -14.08
N GLY A 105 12.85 2.31 -15.19
CA GLY A 105 12.13 3.44 -15.75
C GLY A 105 10.61 3.36 -15.72
N THR A 106 10.06 2.18 -15.45
CA THR A 106 8.63 1.95 -15.69
C THR A 106 7.76 2.89 -14.88
N VAL A 107 8.04 3.06 -13.58
CA VAL A 107 7.18 3.94 -12.78
C VAL A 107 7.19 5.36 -13.35
N MET A 108 8.37 5.87 -13.72
CA MET A 108 8.44 7.21 -14.28
C MET A 108 7.74 7.30 -15.62
N GLY A 109 7.89 6.26 -16.46
CA GLY A 109 7.22 6.26 -17.76
C GLY A 109 5.71 6.27 -17.65
N LEU A 110 5.15 5.40 -16.80
CA LEU A 110 3.70 5.39 -16.60
C LEU A 110 3.21 6.72 -16.05
N TRP A 111 3.95 7.30 -15.10
CA TRP A 111 3.62 8.61 -14.57
C TRP A 111 3.57 9.65 -15.69
N GLU A 112 4.61 9.69 -16.51
CA GLU A 112 4.66 10.74 -17.54
C GLU A 112 3.51 10.58 -18.53
N ALA A 113 3.24 9.34 -18.96
CA ALA A 113 2.13 9.11 -19.87
C ALA A 113 0.82 9.61 -19.26
N HIS A 114 0.58 9.28 -18.00
CA HIS A 114 -0.67 9.69 -17.38
C HIS A 114 -0.71 11.20 -17.13
N GLN A 115 0.41 11.78 -16.70
CA GLN A 115 0.46 13.22 -16.50
C GLN A 115 0.03 13.95 -17.77
N ARG A 116 0.48 13.45 -18.91
CA ARG A 116 0.26 14.14 -20.16
C ARG A 116 -1.14 13.91 -20.73
N PHE A 117 -1.66 12.67 -20.68
CA PHE A 117 -2.87 12.32 -21.43
C PHE A 117 -4.00 11.75 -20.60
N GLY A 118 -3.78 11.42 -19.33
CA GLY A 118 -4.77 10.68 -18.57
C GLY A 118 -5.97 11.53 -18.20
N LYS A 119 -7.13 10.89 -18.14
CA LYS A 119 -8.37 11.55 -17.73
C LYS A 119 -8.78 11.18 -16.31
N LEU A 120 -8.39 10.01 -15.82
CA LEU A 120 -8.76 9.57 -14.49
C LEU A 120 -7.65 9.91 -13.49
N LYS A 121 -7.96 9.78 -12.20
CA LYS A 121 -6.98 10.06 -11.17
C LYS A 121 -5.92 8.96 -11.10
N TRP A 122 -4.67 9.38 -10.92
CA TRP A 122 -3.56 8.44 -10.79
C TRP A 122 -3.88 7.33 -9.80
N SER A 123 -4.43 7.67 -8.63
CA SER A 123 -4.63 6.65 -7.62
C SER A 123 -5.65 5.60 -8.08
N GLU A 124 -6.69 6.03 -8.82
CA GLU A 124 -7.66 5.10 -9.40
C GLU A 124 -7.01 4.01 -10.22
N LEU A 125 -5.95 4.37 -10.94
CA LEU A 125 -5.34 3.46 -11.89
C LEU A 125 -4.47 2.43 -11.21
N LEU A 126 -4.11 2.64 -9.94
CA LEU A 126 -3.33 1.70 -9.17
C LEU A 126 -4.19 0.74 -8.35
N THR A 127 -5.42 1.13 -8.03
CA THR A 127 -6.32 0.30 -7.22
C THR A 127 -6.44 -1.11 -7.75
N PRO A 128 -6.63 -1.35 -9.06
CA PRO A 128 -6.73 -2.75 -9.51
C PRO A 128 -5.49 -3.57 -9.18
N ALA A 129 -4.31 -3.05 -9.51
CA ALA A 129 -3.08 -3.78 -9.25
C ALA A 129 -2.88 -4.03 -7.75
N ILE A 130 -3.17 -3.01 -6.93
CA ILE A 130 -3.08 -3.19 -5.48
C ILE A 130 -3.97 -4.35 -5.06
N GLY A 131 -5.17 -4.43 -5.65
CA GLY A 131 -6.08 -5.50 -5.30
C GLY A 131 -5.53 -6.88 -5.62
N TYR A 132 -4.95 -7.03 -6.82
CA TYR A 132 -4.36 -8.32 -7.19
C TYR A 132 -3.15 -8.64 -6.33
N ALA A 133 -2.45 -7.62 -5.86
CA ALA A 133 -1.33 -7.86 -4.95
C ALA A 133 -1.84 -8.27 -3.57
N GLN A 134 -2.89 -7.62 -3.09
CA GLN A 134 -3.38 -7.91 -1.74
C GLN A 134 -4.08 -9.28 -1.69
N THR A 135 -4.95 -9.56 -2.65
CA THR A 135 -5.80 -10.73 -2.58
C THR A 135 -5.42 -11.83 -3.57
N GLY A 136 -4.59 -11.55 -4.54
CA GLY A 136 -3.91 -12.58 -5.29
C GLY A 136 -4.45 -12.75 -6.70
N PHE A 137 -3.75 -13.58 -7.45
CA PHE A 137 -4.10 -13.96 -8.81
C PHE A 137 -3.69 -15.41 -8.98
N LYS A 138 -4.22 -16.07 -10.01
CA LYS A 138 -3.95 -17.49 -10.22
C LYS A 138 -2.76 -17.66 -11.17
N VAL A 139 -1.80 -18.47 -10.74
CA VAL A 139 -0.55 -18.65 -11.46
C VAL A 139 -0.79 -19.45 -12.74
N ALA A 140 -0.15 -19.04 -13.83
CA ALA A 140 -0.34 -19.68 -15.12
C ALA A 140 0.66 -20.83 -15.30
N ASP A 141 0.33 -21.72 -16.25
CA ASP A 141 1.18 -22.86 -16.55
C ASP A 141 2.57 -22.43 -17.00
N GLN A 142 2.64 -21.51 -17.96
CA GLN A 142 3.93 -21.05 -18.46
C GLN A 142 4.72 -20.40 -17.32
N GLN A 143 4.01 -19.72 -16.41
CA GLN A 143 4.67 -19.07 -15.27
C GLN A 143 5.38 -20.09 -14.39
N TYR A 144 4.68 -21.17 -14.05
CA TYR A 144 5.28 -22.23 -13.24
C TYR A 144 6.51 -22.80 -13.93
N GLN A 145 6.44 -23.00 -15.24
CA GLN A 145 7.58 -23.54 -15.97
C GLN A 145 8.74 -22.55 -15.95
N TYR A 146 8.45 -21.26 -16.22
CA TYR A 146 9.53 -20.26 -16.17
C TYR A 146 10.13 -20.17 -14.78
N ARG A 147 9.28 -20.19 -13.75
CA ARG A 147 9.78 -20.15 -12.38
C ARG A 147 10.69 -21.35 -12.10
N GLN A 148 10.27 -22.56 -12.48
CA GLN A 148 11.11 -23.74 -12.29
C GLN A 148 12.50 -23.53 -12.89
N ASP A 149 12.57 -22.92 -14.07
CA ASP A 149 13.85 -22.62 -14.68
C ASP A 149 14.61 -21.56 -13.88
N ALA A 150 13.89 -20.54 -13.40
CA ALA A 150 14.53 -19.44 -12.69
C ALA A 150 15.11 -19.91 -11.36
N ILE A 151 14.38 -20.76 -10.62
CA ILE A 151 14.92 -21.28 -9.37
C ILE A 151 16.28 -21.91 -9.62
N ALA A 152 16.40 -22.67 -10.70
CA ALA A 152 17.66 -23.34 -11.02
C ALA A 152 18.76 -22.33 -11.33
N LEU A 153 18.47 -21.37 -12.22
CA LEU A 153 19.48 -20.39 -12.60
C LEU A 153 19.87 -19.51 -11.43
N PHE A 154 18.88 -19.01 -10.67
CA PHE A 154 19.17 -18.10 -9.57
C PHE A 154 19.69 -18.81 -8.34
N ASN A 155 18.89 -19.72 -7.78
CA ASN A 155 19.27 -20.38 -6.54
C ASN A 155 20.66 -20.99 -6.66
N GLY A 156 21.53 -20.75 -5.69
CA GLY A 156 21.34 -19.88 -4.54
C GLY A 156 22.23 -18.66 -4.66
N LYS A 157 21.86 -17.80 -5.60
CA LYS A 157 22.60 -16.59 -5.90
C LYS A 157 21.81 -15.31 -5.65
N THR A 158 20.49 -15.37 -5.61
CA THR A 158 19.65 -14.22 -5.32
C THR A 158 18.61 -14.62 -4.28
N ASN A 159 17.75 -13.66 -3.92
CA ASN A 159 16.66 -13.90 -2.99
C ASN A 159 15.36 -14.23 -3.71
N PHE A 160 15.44 -14.64 -4.98
CA PHE A 160 14.25 -14.91 -5.77
C PHE A 160 13.32 -15.88 -5.05
N GLY A 161 13.87 -16.99 -4.54
CA GLY A 161 13.06 -17.99 -3.89
C GLY A 161 12.33 -17.48 -2.66
N ASP A 162 12.88 -16.48 -1.99
CA ASP A 162 12.20 -15.92 -0.82
C ASP A 162 10.81 -15.42 -1.18
N TYR A 163 10.64 -14.87 -2.38
CA TYR A 163 9.41 -14.20 -2.77
C TYR A 163 8.57 -14.96 -3.77
N PHE A 164 9.18 -15.75 -4.65
CA PHE A 164 8.45 -16.40 -5.71
C PHE A 164 8.55 -17.92 -5.65
N GLY A 165 9.14 -18.47 -4.59
CA GLY A 165 9.22 -19.91 -4.46
C GLY A 165 7.87 -20.55 -4.24
N THR A 166 6.91 -19.80 -3.69
CA THR A 166 5.60 -20.34 -3.38
C THR A 166 4.64 -20.32 -4.57
N MET A 167 5.04 -19.74 -5.71
CA MET A 167 4.19 -19.81 -6.90
C MET A 167 3.93 -21.26 -7.26
N LYS A 168 2.67 -21.59 -7.49
CA LYS A 168 2.28 -22.93 -7.89
C LYS A 168 1.10 -22.77 -8.83
N PRO A 169 1.09 -23.47 -9.97
CA PRO A 169 0.04 -23.23 -10.95
C PRO A 169 -1.35 -23.47 -10.37
N GLY A 170 -2.29 -22.62 -10.75
CA GLY A 170 -3.65 -22.71 -10.28
C GLY A 170 -3.87 -22.22 -8.87
N GLU A 171 -2.82 -21.93 -8.11
CA GLU A 171 -2.94 -21.46 -6.74
C GLU A 171 -2.87 -19.94 -6.70
N VAL A 172 -3.62 -19.36 -5.76
CA VAL A 172 -3.67 -17.91 -5.62
C VAL A 172 -2.38 -17.44 -4.98
N PHE A 173 -1.66 -16.56 -5.67
CA PHE A 173 -0.38 -16.03 -5.22
C PHE A 173 -0.59 -14.58 -4.79
N LYS A 174 -0.25 -14.28 -3.54
CA LYS A 174 -0.41 -12.95 -2.97
C LYS A 174 0.96 -12.31 -2.76
N GLN A 175 1.01 -10.99 -2.86
CA GLN A 175 2.27 -10.25 -2.80
C GLN A 175 2.13 -9.04 -1.87
N PRO A 176 2.17 -9.26 -0.56
CA PRO A 176 1.81 -8.17 0.36
C PRO A 176 2.78 -7.00 0.32
N GLU A 177 4.09 -7.25 0.20
CA GLU A 177 5.02 -6.14 0.17
C GLU A 177 4.84 -5.30 -1.07
N LEU A 178 4.60 -5.94 -2.21
CA LEU A 178 4.37 -5.21 -3.45
C LEU A 178 3.09 -4.38 -3.35
N ALA A 179 2.06 -4.90 -2.69
CA ALA A 179 0.83 -4.13 -2.51
C ALA A 179 1.12 -2.82 -1.78
N LYS A 180 1.93 -2.88 -0.73
CA LYS A 180 2.28 -1.68 0.00
C LYS A 180 3.11 -0.72 -0.86
N THR A 181 4.02 -1.27 -1.66
CA THR A 181 4.78 -0.45 -2.61
C THR A 181 3.85 0.28 -3.58
N LEU A 182 2.89 -0.43 -4.15
CA LEU A 182 1.96 0.19 -5.09
C LEU A 182 1.06 1.21 -4.39
N GLU A 183 0.68 0.95 -3.14
CA GLU A 183 -0.07 1.96 -2.39
C GLU A 183 0.74 3.24 -2.21
N ARG A 184 2.05 3.09 -1.94
CA ARG A 184 2.90 4.28 -1.82
C ARG A 184 2.99 5.01 -3.14
N ILE A 185 3.15 4.29 -4.25
CA ILE A 185 3.17 4.91 -5.57
C ILE A 185 1.84 5.60 -5.86
N ALA A 186 0.72 4.99 -5.47
CA ALA A 186 -0.58 5.63 -5.70
C ALA A 186 -0.69 6.93 -4.91
N ASP A 187 -0.16 6.94 -3.69
CA ASP A 187 -0.29 8.07 -2.79
C ASP A 187 0.72 9.17 -3.13
N LYS A 188 1.99 8.77 -3.29
CA LYS A 188 3.11 9.70 -3.42
C LYS A 188 3.54 9.96 -4.85
N GLY A 189 3.12 9.12 -5.80
CA GLY A 189 3.59 9.23 -7.16
C GLY A 189 4.96 8.61 -7.31
N PRO A 190 5.63 8.90 -8.42
CA PRO A 190 6.97 8.33 -8.62
C PRO A 190 7.97 8.75 -7.55
N ASP A 191 7.72 9.82 -6.81
CA ASP A 191 8.65 10.21 -5.76
C ASP A 191 8.94 9.06 -4.80
N ASP A 192 7.94 8.20 -4.55
CA ASP A 192 8.18 7.06 -3.67
C ASP A 192 9.27 6.17 -4.23
N PHE A 193 9.19 5.87 -5.54
CA PHE A 193 10.10 4.92 -6.16
C PHE A 193 11.49 5.50 -6.29
N TYR A 194 11.60 6.80 -6.61
CA TYR A 194 12.90 7.37 -6.94
C TYR A 194 13.50 8.21 -5.83
N LYS A 195 12.70 8.64 -4.85
CA LYS A 195 13.18 9.50 -3.77
C LYS A 195 12.82 9.04 -2.37
N GLY A 196 11.84 8.15 -2.21
CA GLY A 196 11.19 7.89 -0.94
C GLY A 196 11.45 6.50 -0.38
N GLU A 197 10.45 5.94 0.29
CA GLU A 197 10.64 4.67 0.97
C GLU A 197 11.09 3.59 0.01
N THR A 198 10.48 3.51 -1.17
CA THR A 198 10.87 2.46 -2.09
C THR A 198 12.30 2.67 -2.58
N ALA A 199 12.68 3.91 -2.92
CA ALA A 199 14.06 4.19 -3.29
C ALA A 199 15.02 3.70 -2.23
N LYS A 200 14.72 3.97 -0.95
CA LYS A 200 15.65 3.59 0.11
C LYS A 200 15.79 2.08 0.20
N LEU A 201 14.70 1.35 -0.03
CA LEU A 201 14.75 -0.10 -0.02
C LEU A 201 15.56 -0.63 -1.18
N LEU A 202 15.39 -0.02 -2.36
CA LEU A 202 16.17 -0.44 -3.53
C LEU A 202 17.65 -0.21 -3.28
N ILE A 203 17.99 0.95 -2.70
CA ILE A 203 19.39 1.27 -2.43
C ILE A 203 19.96 0.30 -1.42
N ALA A 204 19.21 0.02 -0.35
CA ALA A 204 19.63 -0.98 0.61
C ALA A 204 19.92 -2.32 -0.06
N GLN A 205 19.10 -2.70 -1.03
CA GLN A 205 19.30 -3.98 -1.71
C GLN A 205 20.59 -3.95 -2.53
N MET A 206 20.85 -2.83 -3.22
CA MET A 206 22.10 -2.68 -3.94
C MET A 206 23.28 -2.85 -2.99
N LYS A 207 23.29 -2.07 -1.91
CA LYS A 207 24.39 -2.13 -0.95
C LYS A 207 24.60 -3.54 -0.45
N GLN A 208 23.52 -4.29 -0.23
CA GLN A 208 23.66 -5.66 0.25
C GLN A 208 24.24 -6.57 -0.83
N ASP A 209 23.86 -6.37 -2.09
CA ASP A 209 24.20 -7.30 -3.16
C ASP A 209 25.36 -6.83 -4.03
N GLY A 210 26.05 -5.76 -3.67
CA GLY A 210 27.13 -5.25 -4.49
C GLY A 210 26.66 -4.59 -5.77
N GLY A 211 25.44 -4.08 -5.80
CA GLY A 211 24.94 -3.38 -6.96
C GLY A 211 25.50 -1.98 -7.07
N LEU A 212 25.17 -1.34 -8.19
CA LEU A 212 25.74 -0.04 -8.52
C LEU A 212 24.76 1.12 -8.39
N ILE A 213 23.46 0.84 -8.30
CA ILE A 213 22.48 1.91 -8.37
C ILE A 213 22.50 2.70 -7.06
N THR A 214 22.57 4.02 -7.18
CA THR A 214 22.64 4.89 -6.04
C THR A 214 21.46 5.84 -6.02
N SER A 215 21.34 6.59 -4.92
CA SER A 215 20.29 7.60 -4.86
C SER A 215 20.43 8.57 -6.02
N ASP A 216 21.67 8.94 -6.37
CA ASP A 216 21.88 9.84 -7.50
C ASP A 216 21.31 9.26 -8.78
N ASP A 217 21.47 7.95 -8.98
CA ASP A 217 20.96 7.33 -10.19
C ASP A 217 19.44 7.44 -10.26
N LEU A 218 18.76 7.16 -9.14
CA LEU A 218 17.31 7.21 -9.12
C LEU A 218 16.80 8.63 -9.31
N VAL A 219 17.40 9.60 -8.61
CA VAL A 219 16.91 10.97 -8.70
C VAL A 219 17.16 11.57 -10.08
N ASP A 220 18.14 11.08 -10.82
CA ASP A 220 18.44 11.61 -12.15
C ASP A 220 17.66 10.91 -13.25
N TYR A 221 16.91 9.87 -12.94
CA TYR A 221 16.22 9.16 -14.00
C TYR A 221 15.10 10.04 -14.57
N GLN A 222 15.02 10.07 -15.90
CA GLN A 222 13.94 10.76 -16.60
C GLN A 222 13.46 9.91 -17.77
N ALA A 223 12.14 9.77 -17.90
CA ALA A 223 11.60 9.26 -19.14
C ALA A 223 11.71 10.35 -20.20
N LYS A 224 11.74 9.95 -21.47
CA LYS A 224 12.00 10.89 -22.55
C LYS A 224 10.95 10.74 -23.64
N TRP A 225 10.25 11.82 -23.93
CA TRP A 225 9.36 11.83 -25.08
C TRP A 225 10.22 12.01 -26.32
N ARG A 226 9.94 11.22 -27.35
CA ARG A 226 10.70 11.26 -28.59
C ARG A 226 9.75 11.26 -29.77
N GLU A 227 10.24 11.67 -30.92
CA GLU A 227 9.39 11.57 -32.11
C GLU A 227 9.38 10.11 -32.57
N PRO A 228 8.22 9.49 -32.76
CA PRO A 228 8.22 8.10 -33.21
C PRO A 228 8.79 7.95 -34.60
N MET A 229 9.32 6.77 -34.88
CA MET A 229 9.69 6.38 -36.22
C MET A 229 8.44 6.30 -37.08
N ARG A 230 8.48 6.92 -38.25
CA ARG A 230 7.38 6.89 -39.21
C ARG A 230 7.80 6.14 -40.47
N ILE A 231 6.98 5.19 -40.89
CA ILE A 231 7.26 4.36 -42.06
C ILE A 231 6.01 4.37 -42.93
N ASP A 232 6.15 4.86 -44.18
CA ASP A 232 5.03 4.91 -45.10
C ASP A 232 5.15 3.81 -46.14
N TRP A 233 4.09 3.01 -46.31
CA TRP A 233 4.03 2.05 -47.41
C TRP A 233 2.58 1.77 -47.76
N GLN A 234 2.31 1.69 -49.06
CA GLN A 234 1.00 1.30 -49.60
C GLN A 234 -0.14 2.13 -49.02
N GLY A 235 0.11 3.42 -48.78
CA GLY A 235 -0.91 4.31 -48.27
C GLY A 235 -1.14 4.21 -46.78
N ASN A 236 -0.36 3.39 -46.09
CA ASN A 236 -0.41 3.28 -44.64
C ASN A 236 0.75 4.07 -44.04
N THR A 237 0.62 4.37 -42.76
CA THR A 237 1.70 5.00 -42.01
C THR A 237 1.87 4.21 -40.72
N LEU A 238 3.03 3.59 -40.58
CA LEU A 238 3.39 2.84 -39.38
C LEU A 238 4.18 3.76 -38.45
N TYR A 239 3.72 3.90 -37.21
CA TYR A 239 4.46 4.59 -36.17
C TYR A 239 5.03 3.55 -35.22
N THR A 240 6.34 3.61 -34.97
CA THR A 240 6.96 2.58 -34.16
C THR A 240 8.14 3.20 -33.43
N ALA A 241 8.91 2.35 -32.74
CA ALA A 241 9.91 2.83 -31.79
C ALA A 241 11.16 3.35 -32.51
N PRO A 242 11.58 4.59 -32.23
CA PRO A 242 12.88 5.07 -32.68
C PRO A 242 13.98 4.65 -31.70
N LEU A 243 15.21 5.06 -32.00
CA LEU A 243 16.30 4.83 -31.07
C LEU A 243 15.88 5.33 -29.69
N PRO A 244 16.20 4.60 -28.61
CA PRO A 244 17.18 3.50 -28.51
C PRO A 244 16.66 2.11 -28.83
N SER A 245 15.48 2.02 -29.45
CA SER A 245 15.10 0.76 -30.09
C SER A 245 15.71 0.66 -31.48
N SER A 246 16.14 -0.55 -31.82
CA SER A 246 16.59 -0.86 -33.17
C SER A 246 15.42 -1.23 -34.07
N GLY A 247 14.24 -1.38 -33.51
CA GLY A 247 13.14 -1.97 -34.25
C GLY A 247 12.57 -1.05 -35.31
N GLY A 248 12.57 0.25 -35.04
CA GLY A 248 12.03 1.18 -36.01
C GLY A 248 12.87 1.25 -37.27
N ILE A 249 14.18 1.38 -37.10
CA ILE A 249 15.08 1.34 -38.24
C ILE A 249 15.00 -0.01 -38.93
N ALA A 250 14.95 -1.10 -38.13
CA ALA A 250 14.84 -2.43 -38.72
C ALA A 250 13.57 -2.56 -39.55
N LEU A 251 12.45 -2.10 -39.03
CA LEU A 251 11.19 -2.22 -39.76
C LEU A 251 11.20 -1.34 -41.01
N ALA A 252 11.81 -0.15 -40.93
CA ALA A 252 11.95 0.69 -42.11
C ALA A 252 12.68 -0.06 -43.21
N GLN A 253 13.76 -0.77 -42.85
CA GLN A 253 14.57 -1.50 -43.81
C GLN A 253 13.90 -2.79 -44.28
N LEU A 254 13.24 -3.50 -43.35
CA LEU A 254 12.57 -4.73 -43.71
C LEU A 254 11.43 -4.47 -44.69
N ILE A 255 10.55 -3.51 -44.35
CA ILE A 255 9.43 -3.17 -45.22
C ILE A 255 9.93 -2.56 -46.53
N GLY A 256 10.85 -1.60 -46.44
CA GLY A 256 11.36 -0.96 -47.63
C GLY A 256 12.02 -1.94 -48.59
N ILE A 257 12.85 -2.83 -48.06
CA ILE A 257 13.54 -3.80 -48.91
C ILE A 257 12.55 -4.80 -49.47
N LYS A 258 11.60 -5.27 -48.65
CA LYS A 258 10.64 -6.22 -49.19
C LYS A 258 9.84 -5.61 -50.32
N GLU A 259 9.47 -4.34 -50.21
CA GLU A 259 8.75 -3.71 -51.31
C GLU A 259 9.62 -3.59 -52.54
N GLN A 260 10.92 -3.33 -52.35
CA GLN A 260 11.83 -3.26 -53.51
C GLN A 260 11.95 -4.59 -54.22
N ARG A 261 11.79 -5.70 -53.50
CA ARG A 261 11.95 -7.03 -54.06
C ARG A 261 10.60 -7.68 -54.35
N ALA A 262 9.57 -6.85 -54.55
CA ALA A 262 8.23 -7.37 -54.76
C ALA A 262 8.21 -8.45 -55.82
N ALA A 263 9.02 -8.29 -56.87
CA ALA A 263 9.02 -9.23 -57.98
C ALA A 263 9.46 -10.62 -57.55
N ASP A 264 10.33 -10.71 -56.54
CA ASP A 264 10.79 -11.99 -56.02
C ASP A 264 9.78 -12.63 -55.08
N PHE A 265 8.87 -11.85 -54.48
CA PHE A 265 7.87 -12.40 -53.60
C PHE A 265 6.58 -12.79 -54.32
N LYS A 266 6.37 -12.32 -55.54
CA LYS A 266 5.13 -12.65 -56.25
C LYS A 266 5.03 -14.14 -56.47
N GLY A 267 3.89 -14.71 -56.09
CA GLY A 267 3.62 -16.11 -56.30
C GLY A 267 4.26 -17.04 -55.32
N VAL A 268 4.99 -16.52 -54.33
CA VAL A 268 5.63 -17.34 -53.31
C VAL A 268 4.70 -17.46 -52.12
N GLU A 269 4.48 -18.67 -51.66
CA GLU A 269 3.53 -18.90 -50.59
C GLU A 269 4.17 -18.58 -49.25
N LEU A 270 3.33 -18.14 -48.32
CA LEU A 270 3.81 -17.82 -46.99
C LEU A 270 4.49 -19.04 -46.37
N ASN A 271 5.72 -18.82 -45.87
CA ASN A 271 6.45 -19.84 -45.13
C ASN A 271 6.85 -21.03 -45.98
N SER A 272 6.89 -20.82 -47.29
CA SER A 272 7.65 -21.72 -48.14
C SER A 272 9.14 -21.52 -47.89
N ALA A 273 9.95 -22.43 -48.40
CA ALA A 273 11.40 -22.27 -48.22
C ALA A 273 11.89 -21.00 -48.88
N LYS A 274 11.41 -20.70 -50.10
CA LYS A 274 11.79 -19.47 -50.76
C LYS A 274 11.40 -18.24 -49.95
N TYR A 275 10.19 -18.23 -49.38
CA TYR A 275 9.76 -17.09 -48.56
C TYR A 275 10.73 -16.88 -47.40
N ILE A 276 11.00 -17.95 -46.65
CA ILE A 276 11.86 -17.86 -45.48
C ILE A 276 13.27 -17.47 -45.90
N HIS A 277 13.78 -18.07 -46.99
CA HIS A 277 15.10 -17.69 -47.47
C HIS A 277 15.17 -16.20 -47.79
N LEU A 278 14.15 -15.67 -48.46
CA LEU A 278 14.14 -14.25 -48.79
C LEU A 278 14.12 -13.39 -47.54
N LEU A 279 13.27 -13.73 -46.57
CA LEU A 279 13.27 -12.95 -45.34
C LEU A 279 14.65 -12.99 -44.67
N SER A 280 15.28 -14.17 -44.66
CA SER A 280 16.59 -14.27 -44.02
C SER A 280 17.61 -13.41 -44.74
N GLU A 281 17.51 -13.32 -46.07
CA GLU A 281 18.47 -12.52 -46.82
C GLU A 281 18.33 -11.04 -46.49
N ILE A 282 17.11 -10.57 -46.29
CA ILE A 282 16.89 -9.19 -45.87
C ILE A 282 17.41 -9.00 -44.46
N GLU A 283 17.13 -9.96 -43.58
CA GLU A 283 17.52 -9.84 -42.17
C GLU A 283 19.02 -9.84 -42.00
N LYS A 284 19.76 -10.57 -42.84
CA LYS A 284 21.22 -10.47 -42.81
C LYS A 284 21.67 -9.02 -42.82
N ARG A 285 21.09 -8.21 -43.70
CA ARG A 285 21.54 -6.83 -43.88
C ARG A 285 21.08 -5.95 -42.73
N VAL A 286 19.86 -6.18 -42.25
CA VAL A 286 19.36 -5.41 -41.12
C VAL A 286 20.25 -5.60 -39.92
N PHE A 287 20.63 -6.84 -39.63
CA PHE A 287 21.46 -7.07 -38.45
C PHE A 287 22.90 -6.64 -38.66
N ALA A 288 23.38 -6.52 -39.90
CA ALA A 288 24.72 -5.98 -40.10
C ALA A 288 24.78 -4.49 -39.73
N ASP A 289 23.76 -3.72 -40.12
CA ASP A 289 23.66 -2.31 -39.72
C ASP A 289 23.39 -2.18 -38.21
N ARG A 290 22.50 -3.03 -37.67
CA ARG A 290 22.15 -2.96 -36.25
C ARG A 290 23.40 -3.04 -35.37
N ALA A 291 24.25 -4.02 -35.64
CA ALA A 291 25.43 -4.23 -34.82
C ALA A 291 26.44 -3.09 -34.92
N ASP A 292 26.52 -2.44 -36.07
CA ASP A 292 27.57 -1.46 -36.30
C ASP A 292 27.19 -0.04 -35.90
N TYR A 293 25.91 0.33 -36.01
CA TYR A 293 25.53 1.73 -35.92
C TYR A 293 24.67 2.11 -34.74
N LEU A 294 23.87 1.20 -34.19
CA LEU A 294 22.75 1.61 -33.36
C LEU A 294 23.09 1.62 -31.87
N GLY A 295 22.58 2.64 -31.19
CA GLY A 295 22.65 2.71 -29.75
C GLY A 295 21.98 3.97 -29.27
N ASP A 296 22.16 4.30 -27.99
CA ASP A 296 21.53 5.48 -27.44
C ASP A 296 21.84 6.71 -28.30
N PRO A 297 20.83 7.42 -28.81
CA PRO A 297 21.10 8.49 -29.78
C PRO A 297 21.74 9.73 -29.19
N GLN A 298 21.72 9.89 -27.87
CA GLN A 298 22.44 10.99 -27.25
C GLN A 298 23.90 10.66 -26.92
N PHE A 299 24.37 9.45 -27.22
CA PHE A 299 25.74 9.07 -26.89
C PHE A 299 26.63 8.85 -28.10
N SER A 300 26.06 8.79 -29.30
CA SER A 300 26.83 8.80 -30.54
C SER A 300 25.96 9.50 -31.57
N LYS A 301 26.59 9.87 -32.69
CA LYS A 301 25.86 10.49 -33.80
C LYS A 301 25.39 9.36 -34.70
N VAL A 302 24.23 8.81 -34.39
CA VAL A 302 23.73 7.67 -35.16
C VAL A 302 23.17 8.18 -36.49
N PRO A 303 23.56 7.59 -37.63
CA PRO A 303 23.10 8.07 -38.95
C PRO A 303 21.71 7.57 -39.33
N VAL A 304 20.71 7.93 -38.52
CA VAL A 304 19.36 7.39 -38.68
C VAL A 304 18.83 7.68 -40.08
N ALA A 305 18.94 8.94 -40.53
CA ALA A 305 18.38 9.30 -41.83
C ALA A 305 19.07 8.52 -42.95
N GLN A 306 20.39 8.34 -42.86
CA GLN A 306 21.12 7.63 -43.91
C GLN A 306 20.70 6.17 -43.99
N LEU A 307 20.44 5.53 -42.85
CA LEU A 307 20.02 4.13 -42.83
C LEU A 307 18.59 3.92 -43.29
N THR A 308 17.78 4.99 -43.34
CA THR A 308 16.37 4.88 -43.73
C THR A 308 16.06 5.64 -45.02
N ASP A 309 17.05 6.23 -45.66
CA ASP A 309 16.80 6.93 -46.92
C ASP A 309 16.41 5.94 -48.01
N PRO A 310 15.44 6.27 -48.86
CA PRO A 310 15.01 5.31 -49.89
C PRO A 310 16.13 4.86 -50.81
N LYS A 311 17.07 5.75 -51.16
CA LYS A 311 18.14 5.34 -52.05
C LYS A 311 19.02 4.29 -51.38
N TYR A 312 19.21 4.39 -50.07
CA TYR A 312 19.99 3.41 -49.34
C TYR A 312 19.25 2.08 -49.27
N ILE A 313 17.95 2.13 -48.96
CA ILE A 313 17.15 0.91 -48.91
C ILE A 313 17.17 0.19 -50.25
N ALA A 314 17.12 0.95 -51.35
CA ALA A 314 17.18 0.31 -52.66
C ALA A 314 18.54 -0.36 -52.91
N LYS A 315 19.64 0.28 -52.48
CA LYS A 315 20.95 -0.36 -52.59
C LYS A 315 20.99 -1.66 -51.82
N ARG A 316 20.57 -1.65 -50.55
CA ARG A 316 20.63 -2.86 -49.76
C ARG A 316 19.72 -3.93 -50.34
N ALA A 317 18.59 -3.52 -50.91
CA ALA A 317 17.68 -4.50 -51.49
C ALA A 317 18.35 -5.27 -52.61
N GLY A 318 19.23 -4.60 -53.37
CA GLY A 318 19.93 -5.26 -54.47
C GLY A 318 20.79 -6.42 -54.01
N GLU A 319 21.30 -6.37 -52.77
CA GLU A 319 22.17 -7.41 -52.23
C GLU A 319 21.45 -8.73 -51.99
N VAL A 320 20.13 -8.69 -51.79
CA VAL A 320 19.41 -9.92 -51.49
C VAL A 320 19.64 -10.91 -52.62
N ASN A 321 19.98 -12.15 -52.25
CA ASN A 321 20.16 -13.21 -53.21
C ASN A 321 18.93 -14.12 -53.19
N PRO A 322 18.02 -14.05 -54.16
CA PRO A 322 16.80 -14.86 -54.08
C PRO A 322 17.03 -16.36 -54.27
N ASP A 323 18.21 -16.78 -54.72
CA ASP A 323 18.44 -18.14 -55.15
C ASP A 323 19.40 -18.93 -54.28
N ALA A 324 20.26 -18.26 -53.49
CA ALA A 324 21.20 -18.95 -52.63
C ALA A 324 21.53 -18.06 -51.44
N ILE A 325 22.07 -18.68 -50.40
CA ILE A 325 22.48 -17.96 -49.18
C ILE A 325 23.69 -17.08 -49.47
N SER A 326 23.62 -15.82 -49.07
CA SER A 326 24.76 -14.93 -49.24
C SER A 326 25.87 -15.28 -48.25
N ALA A 327 27.11 -15.10 -48.69
CA ALA A 327 28.25 -15.34 -47.80
C ALA A 327 28.15 -14.44 -46.56
N THR A 328 27.88 -15.05 -45.40
CA THR A 328 27.74 -14.29 -44.16
C THR A 328 28.94 -13.38 -43.97
N GLU A 329 30.12 -13.90 -44.26
CA GLU A 329 31.36 -13.18 -44.06
C GLU A 329 31.43 -11.90 -44.89
N LYS A 330 30.63 -11.80 -45.95
CA LYS A 330 30.67 -10.69 -46.90
C LYS A 330 29.54 -9.68 -46.73
N VAL A 331 28.65 -9.88 -45.75
CA VAL A 331 27.58 -8.94 -45.50
C VAL A 331 28.12 -7.86 -44.57
N ARG A 332 28.11 -6.62 -45.04
CA ARG A 332 28.80 -5.52 -44.38
C ARG A 332 27.82 -4.47 -43.87
N PRO A 333 28.20 -3.70 -42.86
CA PRO A 333 27.42 -2.49 -42.53
C PRO A 333 27.34 -1.59 -43.76
N GLY A 334 26.13 -1.12 -44.05
CA GLY A 334 25.89 -0.56 -45.38
C GLY A 334 26.50 0.81 -45.64
N LEU A 335 26.91 1.53 -44.59
CA LEU A 335 27.48 2.86 -44.77
C LEU A 335 29.00 2.82 -44.74
N GLU A 336 29.56 1.63 -44.66
CA GLU A 336 31.01 1.46 -44.54
C GLU A 336 31.71 1.93 -45.81
N PRO A 337 32.72 2.81 -45.71
CA PRO A 337 33.48 3.17 -46.90
C PRO A 337 34.26 1.96 -47.41
N HIS A 338 34.46 1.90 -48.72
CA HIS A 338 35.25 0.81 -49.27
C HIS A 338 35.87 1.23 -50.59
N GLN A 339 36.76 0.39 -51.09
CA GLN A 339 37.52 0.77 -52.27
C GLN A 339 36.71 0.61 -53.54
N THR B 1 9.97 -10.08 -21.41
CA THR B 1 9.26 -8.95 -22.05
C THR B 1 7.81 -9.29 -22.18
N THR B 2 6.94 -8.27 -22.23
CA THR B 2 5.55 -8.50 -22.64
C THR B 2 4.98 -7.25 -23.31
N HIS B 3 3.87 -7.42 -24.02
CA HIS B 3 3.27 -6.34 -24.80
C HIS B 3 1.77 -6.32 -24.63
N PHE B 4 1.17 -5.10 -24.62
CA PHE B 4 -0.28 -4.97 -24.72
C PHE B 4 -0.65 -3.78 -25.60
N SER B 5 -1.85 -3.86 -26.15
CA SER B 5 -2.36 -2.93 -27.16
C SER B 5 -3.74 -2.50 -26.72
N ILE B 6 -4.05 -1.21 -26.89
CA ILE B 6 -5.33 -0.66 -26.43
C ILE B 6 -5.80 0.38 -27.45
N VAL B 7 -7.09 0.38 -27.73
CA VAL B 7 -7.74 1.42 -28.51
C VAL B 7 -8.95 1.86 -27.72
N ASP B 8 -9.19 3.18 -27.62
CA ASP B 8 -10.41 3.63 -26.97
C ASP B 8 -11.45 4.06 -28.00
N LYS B 9 -12.65 4.36 -27.50
CA LYS B 9 -13.79 4.63 -28.37
C LYS B 9 -13.64 5.93 -29.15
N ASP B 10 -12.67 6.77 -28.78
CA ASP B 10 -12.36 7.99 -29.50
C ASP B 10 -11.30 7.77 -30.57
N GLY B 11 -10.87 6.53 -30.78
CA GLY B 11 -9.83 6.26 -31.77
C GLY B 11 -8.42 6.49 -31.30
N ASN B 12 -8.21 6.78 -30.01
CA ASN B 12 -6.86 6.88 -29.48
C ASN B 12 -6.31 5.49 -29.21
N ALA B 13 -5.00 5.34 -29.34
CA ALA B 13 -4.39 4.03 -29.20
C ALA B 13 -3.10 4.12 -28.40
N VAL B 14 -2.83 3.04 -27.66
CA VAL B 14 -1.57 2.84 -26.96
C VAL B 14 -1.05 1.46 -27.31
N SER B 15 0.22 1.38 -27.64
CA SER B 15 0.93 0.13 -27.85
C SER B 15 2.13 0.16 -26.93
N ASN B 16 2.20 -0.77 -25.97
CA ASN B 16 3.16 -0.69 -24.87
C ASN B 16 3.90 -2.01 -24.73
N THR B 17 5.23 -1.98 -24.89
CA THR B 17 6.09 -3.13 -24.64
C THR B 17 6.97 -2.78 -23.46
N TYR B 18 7.01 -3.65 -22.44
CA TYR B 18 7.93 -3.36 -21.35
C TYR B 18 8.45 -4.68 -20.79
N THR B 19 9.47 -4.61 -19.95
CA THR B 19 10.24 -5.83 -19.71
C THR B 19 11.16 -5.70 -18.52
N LEU B 20 11.57 -6.86 -18.01
CA LEU B 20 12.74 -7.01 -17.14
C LEU B 20 13.96 -7.50 -17.91
N ASN B 21 13.78 -7.76 -19.20
CA ASN B 21 14.67 -8.48 -20.11
C ASN B 21 14.36 -9.98 -19.99
N TRP B 22 15.22 -10.79 -19.38
CA TRP B 22 14.88 -12.20 -19.32
C TRP B 22 13.79 -12.44 -18.27
N ASP B 23 13.27 -13.67 -18.24
CA ASP B 23 12.18 -13.98 -17.33
C ASP B 23 12.62 -13.77 -15.89
N PHE B 24 11.89 -12.89 -15.19
CA PHE B 24 12.17 -12.50 -13.81
C PHE B 24 13.44 -11.70 -13.68
N GLY B 25 13.95 -11.19 -14.80
CA GLY B 25 15.06 -10.24 -14.77
C GLY B 25 16.30 -10.81 -14.12
N SER B 26 16.87 -10.03 -13.21
CA SER B 26 18.09 -10.37 -12.51
C SER B 26 17.89 -11.38 -11.40
N GLY B 27 16.63 -11.73 -11.10
CA GLY B 27 16.32 -12.55 -9.95
C GLY B 27 16.42 -11.84 -8.61
N VAL B 28 16.80 -10.57 -8.58
CA VAL B 28 16.96 -9.82 -7.33
C VAL B 28 15.64 -9.15 -7.00
N VAL B 29 15.10 -9.46 -5.83
CA VAL B 29 13.92 -8.78 -5.30
C VAL B 29 14.37 -7.73 -4.29
N VAL B 30 13.78 -6.55 -4.38
CA VAL B 30 14.05 -5.47 -3.43
C VAL B 30 13.38 -5.84 -2.12
N LYS B 31 14.18 -6.20 -1.12
CA LYS B 31 13.65 -6.59 0.17
C LYS B 31 12.79 -5.47 0.76
N GLY B 32 11.61 -5.83 1.23
CA GLY B 32 10.68 -4.88 1.81
C GLY B 32 9.76 -4.23 0.81
N ALA B 33 10.08 -4.29 -0.49
CA ALA B 33 9.24 -3.71 -1.53
C ALA B 33 8.62 -4.74 -2.45
N GLY B 34 9.28 -5.88 -2.65
CA GLY B 34 8.63 -7.02 -3.29
C GLY B 34 8.67 -7.09 -4.80
N PHE B 35 9.39 -6.19 -5.48
CA PHE B 35 9.50 -6.28 -6.93
C PHE B 35 10.90 -6.68 -7.38
N LEU B 36 10.95 -7.28 -8.56
CA LEU B 36 12.18 -7.75 -9.18
C LEU B 36 12.86 -6.62 -9.93
N LEU B 37 14.19 -6.68 -9.93
CA LEU B 37 14.99 -5.80 -10.77
C LEU B 37 15.34 -6.47 -12.08
N ASN B 38 15.36 -5.66 -13.13
CA ASN B 38 15.71 -6.06 -14.47
C ASN B 38 17.15 -6.58 -14.56
N ASP B 39 17.41 -7.34 -15.63
CA ASP B 39 18.78 -7.63 -16.04
C ASP B 39 18.98 -7.06 -17.45
N GLU B 40 18.57 -5.80 -17.62
CA GLU B 40 18.63 -5.13 -18.91
C GLU B 40 20.05 -4.84 -19.37
N MET B 41 21.02 -4.84 -18.45
CA MET B 41 22.37 -4.47 -18.85
C MET B 41 22.93 -5.40 -19.91
N ASP B 42 22.41 -6.62 -20.02
CA ASP B 42 22.94 -7.55 -21.02
C ASP B 42 22.59 -7.13 -22.44
N ASP B 43 21.72 -6.14 -22.63
CA ASP B 43 21.40 -5.62 -23.95
C ASP B 43 22.47 -4.67 -24.47
N PHE B 44 23.37 -4.20 -23.61
CA PHE B 44 24.60 -3.57 -24.07
C PHE B 44 25.52 -4.62 -24.66
N SER B 45 26.48 -4.16 -25.46
CA SER B 45 27.58 -5.02 -25.85
C SER B 45 28.61 -5.01 -24.72
N SER B 46 28.90 -6.20 -24.17
CA SER B 46 29.87 -6.31 -23.08
C SER B 46 31.29 -6.33 -23.61
N LYS B 47 31.47 -6.75 -24.85
CA LYS B 47 32.76 -6.86 -25.48
C LYS B 47 32.52 -6.86 -26.99
N PRO B 48 33.28 -6.08 -27.76
CA PRO B 48 33.05 -6.01 -29.19
C PRO B 48 33.03 -7.39 -29.84
N GLY B 49 31.96 -7.65 -30.61
CA GLY B 49 31.84 -8.85 -31.39
C GLY B 49 31.42 -10.09 -30.61
N VAL B 50 31.23 -9.98 -29.30
CA VAL B 50 30.84 -11.10 -28.47
C VAL B 50 29.34 -11.03 -28.29
N ALA B 51 28.64 -12.12 -28.61
CA ALA B 51 27.19 -12.12 -28.58
C ALA B 51 26.66 -12.12 -27.15
N ASN B 52 25.54 -11.45 -26.97
CA ASN B 52 24.82 -11.45 -25.70
C ASN B 52 23.87 -12.64 -25.67
N ALA B 53 22.95 -12.64 -24.71
CA ALA B 53 22.09 -13.81 -24.50
C ALA B 53 21.15 -14.06 -25.66
N PHE B 54 20.88 -13.03 -26.47
CA PHE B 54 20.07 -13.20 -27.68
C PHE B 54 20.90 -13.44 -28.94
N GLY B 55 22.22 -13.56 -28.83
CA GLY B 55 23.04 -13.80 -29.99
C GLY B 55 23.42 -12.58 -30.79
N VAL B 56 23.07 -11.39 -30.33
CA VAL B 56 23.36 -10.16 -31.08
C VAL B 56 24.66 -9.57 -30.59
N VAL B 57 25.33 -8.82 -31.46
CA VAL B 57 26.65 -8.26 -31.15
C VAL B 57 26.61 -6.74 -31.34
N GLY B 58 27.69 -6.08 -30.88
CA GLY B 58 27.83 -4.65 -31.02
C GLY B 58 29.28 -4.26 -30.88
N SER B 59 29.52 -2.95 -30.86
CA SER B 59 30.86 -2.42 -30.62
C SER B 59 30.68 -1.06 -29.94
N ASP B 60 31.09 0.05 -30.56
CA ASP B 60 31.13 1.32 -29.83
C ASP B 60 29.74 1.86 -29.54
N ALA B 61 28.87 1.89 -30.56
CA ALA B 61 27.58 2.59 -30.42
C ALA B 61 26.74 2.02 -29.28
N ASN B 62 26.85 0.73 -29.01
CA ASN B 62 26.07 0.12 -27.94
C ASN B 62 26.95 -0.40 -26.80
N ALA B 63 28.14 0.19 -26.63
CA ALA B 63 28.96 -0.14 -25.49
C ALA B 63 28.39 0.49 -24.21
N ILE B 64 28.79 -0.07 -23.07
CA ILE B 64 28.30 0.40 -21.77
C ILE B 64 28.91 1.76 -21.46
N GLU B 65 28.06 2.74 -21.17
CA GLU B 65 28.52 4.03 -20.67
C GLU B 65 27.57 4.48 -19.58
N PRO B 66 28.06 5.21 -18.59
CA PRO B 66 27.16 5.70 -17.54
C PRO B 66 26.04 6.54 -18.12
N GLY B 67 24.83 6.33 -17.59
CA GLY B 67 23.67 7.10 -18.00
C GLY B 67 23.08 6.75 -19.34
N LYS B 68 23.57 5.71 -19.99
CA LYS B 68 23.20 5.37 -21.35
C LYS B 68 22.10 4.32 -21.37
N ARG B 69 21.20 4.45 -22.34
CA ARG B 69 20.15 3.47 -22.60
C ARG B 69 20.69 2.37 -23.50
N MET B 70 20.48 1.13 -23.08
CA MET B 70 20.97 -0.02 -23.83
C MET B 70 20.05 -0.31 -25.01
N LEU B 71 20.65 -0.63 -26.16
CA LEU B 71 19.88 -0.83 -27.37
C LEU B 71 18.84 -1.92 -27.17
N SER B 72 17.63 -1.66 -27.65
CA SER B 72 16.52 -2.57 -27.54
C SER B 72 16.07 -3.05 -28.91
N SER B 73 15.29 -4.12 -28.91
CA SER B 73 14.55 -4.55 -30.08
C SER B 73 13.05 -4.31 -29.92
N MET B 74 12.61 -3.80 -28.77
CA MET B 74 11.17 -3.64 -28.56
C MET B 74 10.60 -2.60 -29.52
N SER B 75 9.47 -2.92 -30.10
CA SER B 75 8.94 -2.15 -31.24
C SER B 75 7.42 -2.02 -31.14
N PRO B 76 6.91 -1.42 -30.06
CA PRO B 76 5.45 -1.18 -29.99
C PRO B 76 5.02 -0.32 -31.16
N SER B 77 3.98 -0.77 -31.86
CA SER B 77 3.65 -0.20 -33.17
C SER B 77 2.18 0.17 -33.28
N ILE B 78 1.93 1.22 -34.06
CA ILE B 78 0.57 1.64 -34.43
C ILE B 78 0.57 1.93 -35.92
N VAL B 79 -0.27 1.24 -36.68
CA VAL B 79 -0.49 1.59 -38.09
C VAL B 79 -1.70 2.49 -38.17
N THR B 80 -1.58 3.57 -38.95
CA THR B 80 -2.70 4.42 -39.29
C THR B 80 -2.90 4.42 -40.79
N ARG B 81 -4.11 4.77 -41.22
CA ARG B 81 -4.37 5.01 -42.62
C ARG B 81 -5.33 6.17 -42.71
N ASP B 82 -4.95 7.19 -43.46
CA ASP B 82 -5.78 8.37 -43.63
C ASP B 82 -6.06 9.05 -42.30
N GLY B 83 -5.09 9.02 -41.40
CA GLY B 83 -5.17 9.72 -40.12
C GLY B 83 -5.92 8.97 -39.05
N HIS B 84 -6.31 7.73 -39.28
CA HIS B 84 -7.07 6.95 -38.32
C HIS B 84 -6.33 5.65 -37.99
N VAL B 85 -6.30 5.32 -36.70
CA VAL B 85 -5.72 4.06 -36.29
C VAL B 85 -6.38 2.93 -37.07
N SER B 86 -5.54 2.05 -37.62
CA SER B 86 -6.00 0.86 -38.31
C SER B 86 -5.50 -0.44 -37.69
N LEU B 87 -4.31 -0.45 -37.11
CA LEU B 87 -3.80 -1.67 -36.49
C LEU B 87 -2.84 -1.30 -35.35
N VAL B 88 -2.98 -1.97 -34.21
CA VAL B 88 -2.08 -1.76 -33.08
C VAL B 88 -1.46 -3.11 -32.73
N LEU B 89 -0.12 -3.18 -32.61
CA LEU B 89 0.48 -4.48 -32.33
C LEU B 89 1.86 -4.31 -31.74
N GLY B 90 2.32 -5.38 -31.09
CA GLY B 90 3.67 -5.49 -30.56
C GLY B 90 3.84 -6.87 -29.98
N THR B 91 5.07 -7.16 -29.53
CA THR B 91 5.40 -8.49 -29.04
C THR B 91 6.67 -8.45 -28.21
N PRO B 92 6.82 -9.40 -27.28
CA PRO B 92 8.13 -9.69 -26.71
C PRO B 92 8.93 -10.57 -27.66
N GLY B 93 10.15 -10.87 -27.24
CA GLY B 93 10.96 -11.82 -28.00
C GLY B 93 12.39 -11.40 -28.21
N GLY B 94 12.88 -10.41 -27.49
CA GLY B 94 14.27 -9.99 -27.67
C GLY B 94 14.54 -9.64 -29.11
N SER B 95 15.64 -10.16 -29.66
CA SER B 95 16.06 -9.85 -31.01
C SER B 95 15.10 -10.37 -32.07
N ARG B 96 14.08 -11.14 -31.70
CA ARG B 96 13.05 -11.61 -32.62
C ARG B 96 11.86 -10.64 -32.75
N ILE B 97 11.82 -9.57 -31.95
CA ILE B 97 10.60 -8.76 -31.87
C ILE B 97 10.25 -8.15 -33.22
N PHE B 98 11.19 -7.44 -33.82
CA PHE B 98 10.81 -6.73 -35.04
C PHE B 98 10.73 -7.64 -36.26
N THR B 99 11.44 -8.78 -36.30
CA THR B 99 11.15 -9.74 -37.37
C THR B 99 9.78 -10.37 -37.20
N SER B 100 9.34 -10.58 -35.96
CA SER B 100 8.00 -11.14 -35.75
C SER B 100 6.92 -10.14 -36.17
N ILE B 101 7.05 -8.88 -35.80
CA ILE B 101 6.13 -7.86 -36.27
C ILE B 101 6.11 -7.78 -37.78
N PHE B 102 7.29 -7.84 -38.39
CA PHE B 102 7.39 -7.80 -39.85
C PHE B 102 6.57 -8.92 -40.46
N GLN B 103 6.73 -10.14 -39.93
CA GLN B 103 5.97 -11.28 -40.44
C GLN B 103 4.47 -11.05 -40.29
N VAL B 104 4.03 -10.61 -39.11
CA VAL B 104 2.60 -10.37 -38.93
C VAL B 104 2.10 -9.33 -39.93
N LEU B 105 2.86 -8.25 -40.13
CA LEU B 105 2.46 -7.22 -41.09
C LEU B 105 2.36 -7.79 -42.51
N ASN B 106 3.33 -8.61 -42.89
CA ASN B 106 3.24 -9.29 -44.19
C ASN B 106 1.97 -10.13 -44.25
N ASN B 107 1.69 -10.88 -43.19
CA ASN B 107 0.54 -11.77 -43.20
C ASN B 107 -0.76 -11.01 -43.36
N VAL B 108 -0.86 -9.84 -42.73
CA VAL B 108 -2.08 -9.02 -42.81
C VAL B 108 -2.17 -8.29 -44.14
N TYR B 109 -1.09 -7.60 -44.53
CA TYR B 109 -1.12 -6.66 -45.65
C TYR B 109 -0.74 -7.27 -47.00
N ASP B 110 -0.01 -8.38 -47.02
CA ASP B 110 0.39 -9.03 -48.27
C ASP B 110 -0.34 -10.35 -48.51
N PHE B 111 -0.44 -11.19 -47.49
CA PHE B 111 -1.20 -12.42 -47.60
C PHE B 111 -2.67 -12.27 -47.20
N HIS B 112 -3.07 -11.11 -46.67
CA HIS B 112 -4.47 -10.78 -46.42
C HIS B 112 -5.14 -11.84 -45.55
N LEU B 113 -4.40 -12.34 -44.59
CA LEU B 113 -4.96 -13.30 -43.65
C LEU B 113 -5.83 -12.59 -42.63
N PRO B 114 -6.88 -13.26 -42.14
CA PRO B 114 -7.57 -12.78 -40.95
C PRO B 114 -6.58 -12.58 -39.83
N LEU B 115 -6.83 -11.57 -39.00
CA LEU B 115 -5.88 -11.23 -37.94
C LEU B 115 -5.50 -12.45 -37.09
N GLU B 116 -6.48 -13.28 -36.71
CA GLU B 116 -6.15 -14.43 -35.84
C GLU B 116 -5.19 -15.38 -36.53
N LYS B 117 -5.34 -15.55 -37.84
CA LYS B 117 -4.45 -16.43 -38.59
C LYS B 117 -3.11 -15.77 -38.81
N ALA B 118 -3.11 -14.44 -39.01
CA ALA B 118 -1.86 -13.72 -39.18
C ALA B 118 -0.97 -13.85 -37.96
N VAL B 119 -1.59 -13.88 -36.77
CA VAL B 119 -0.84 -13.98 -35.52
C VAL B 119 -0.46 -15.42 -35.21
N ALA B 120 -1.34 -16.38 -35.56
CA ALA B 120 -1.10 -17.78 -35.24
C ALA B 120 -0.09 -18.43 -36.17
N ALA B 121 0.12 -17.85 -37.34
CA ALA B 121 0.99 -18.43 -38.37
C ALA B 121 2.38 -18.69 -37.81
N GLN B 122 3.00 -19.76 -38.30
CA GLN B 122 4.40 -20.04 -38.02
C GLN B 122 5.24 -18.80 -38.26
N ARG B 123 6.18 -18.54 -37.36
CA ARG B 123 7.14 -17.48 -37.52
C ARG B 123 8.54 -18.05 -37.32
N VAL B 124 9.52 -17.54 -38.09
CA VAL B 124 10.90 -17.97 -37.94
C VAL B 124 11.80 -16.73 -37.89
N HIS B 125 13.07 -16.95 -37.60
CA HIS B 125 13.93 -15.81 -37.34
C HIS B 125 15.36 -16.10 -37.79
N HIS B 126 15.97 -15.10 -38.43
CA HIS B 126 17.40 -15.15 -38.78
C HIS B 126 18.00 -13.78 -38.47
N GLN B 127 19.28 -13.78 -38.04
CA GLN B 127 19.87 -12.53 -37.58
C GLN B 127 21.37 -12.41 -37.88
N LEU B 128 21.83 -13.03 -38.97
CA LEU B 128 23.21 -12.96 -39.47
C LEU B 128 24.15 -13.80 -38.62
N LEU B 129 24.21 -13.51 -37.32
CA LEU B 129 24.96 -14.30 -36.38
C LEU B 129 24.01 -14.86 -35.32
N PRO B 130 24.01 -16.17 -35.05
CA PRO B 130 24.91 -17.19 -35.64
C PRO B 130 24.72 -17.42 -37.14
N LYS B 131 25.85 -17.64 -37.80
CA LYS B 131 25.91 -17.76 -39.25
C LYS B 131 24.83 -18.72 -39.76
N ASP B 132 24.04 -18.23 -40.71
CA ASP B 132 23.11 -19.08 -41.47
C ASP B 132 22.23 -19.95 -40.57
N THR B 133 21.83 -19.41 -39.43
CA THR B 133 21.00 -20.13 -38.47
C THR B 133 19.60 -19.52 -38.47
N ILE B 134 18.60 -20.34 -38.74
CA ILE B 134 17.20 -19.94 -38.67
C ILE B 134 16.60 -20.58 -37.44
N TYR B 135 16.01 -19.76 -36.58
CA TYR B 135 15.40 -20.22 -35.34
C TYR B 135 13.92 -20.45 -35.56
N TYR B 136 13.40 -21.48 -34.90
CA TYR B 136 11.97 -21.76 -34.84
C TYR B 136 11.60 -22.08 -33.40
N ASP B 137 10.30 -22.10 -33.11
CA ASP B 137 9.82 -22.52 -31.79
C ASP B 137 9.05 -23.83 -31.90
N ALA B 138 8.75 -24.40 -30.73
CA ALA B 138 8.08 -25.70 -30.68
C ALA B 138 6.59 -25.56 -30.97
N TYR B 139 6.04 -24.36 -30.84
CA TYR B 139 4.66 -24.11 -31.23
C TYR B 139 4.44 -24.39 -32.72
N ALA B 140 5.41 -24.01 -33.57
CA ALA B 140 5.28 -24.21 -35.02
C ALA B 140 6.66 -24.53 -35.60
N PRO B 141 7.21 -25.69 -35.29
CA PRO B 141 8.57 -26.00 -35.72
C PRO B 141 8.68 -26.15 -37.22
N LEU B 142 9.87 -25.85 -37.74
CA LEU B 142 10.14 -26.11 -39.15
C LEU B 142 10.28 -27.61 -39.38
N THR B 143 9.54 -28.11 -40.38
CA THR B 143 9.36 -29.54 -40.58
C THR B 143 9.19 -29.83 -42.06
N GLY B 144 9.36 -31.10 -42.40
CA GLY B 144 8.98 -31.62 -43.72
C GLY B 144 9.71 -30.96 -44.86
N LYS B 145 8.98 -30.76 -45.96
CA LYS B 145 9.61 -30.30 -47.20
C LYS B 145 10.39 -29.00 -46.99
N VAL B 146 9.75 -28.00 -46.37
CA VAL B 146 10.38 -26.70 -46.22
C VAL B 146 11.68 -26.82 -45.42
N ALA B 147 11.68 -27.62 -44.35
CA ALA B 147 12.89 -27.77 -43.54
C ALA B 147 14.00 -28.48 -44.32
N ASP B 148 13.66 -29.54 -45.07
CA ASP B 148 14.66 -30.16 -45.94
C ASP B 148 15.19 -29.16 -46.96
N GLU B 149 14.31 -28.36 -47.57
CA GLU B 149 14.76 -27.41 -48.58
C GLU B 149 15.73 -26.41 -47.99
N LEU B 150 15.38 -25.86 -46.83
CA LEU B 150 16.26 -24.87 -46.19
C LEU B 150 17.59 -25.49 -45.82
N LYS B 151 17.57 -26.69 -45.24
CA LYS B 151 18.81 -27.39 -44.91
C LYS B 151 19.62 -27.67 -46.17
N ALA B 152 18.95 -28.07 -47.26
CA ALA B 152 19.66 -28.30 -48.51
C ALA B 152 20.33 -27.02 -49.00
N MET B 153 19.76 -25.86 -48.68
CA MET B 153 20.37 -24.59 -49.03
C MET B 153 21.59 -24.28 -48.18
N GLY B 154 21.77 -24.98 -47.05
CA GLY B 154 22.88 -24.72 -46.16
C GLY B 154 22.50 -23.99 -44.89
N TYR B 155 21.21 -23.83 -44.62
CA TYR B 155 20.80 -23.26 -43.35
C TYR B 155 20.88 -24.30 -42.25
N THR B 156 21.19 -23.83 -41.05
CA THR B 156 21.05 -24.61 -39.84
C THR B 156 19.74 -24.22 -39.17
N LEU B 157 18.91 -25.20 -38.86
CA LEU B 157 17.64 -24.96 -38.18
C LEU B 157 17.75 -25.37 -36.72
N GLU B 158 17.28 -24.51 -35.82
N GLU B 158 17.29 -24.50 -35.83
CA GLU B 158 17.39 -24.75 -34.40
CA GLU B 158 17.39 -24.77 -34.39
C GLU B 158 16.11 -24.35 -33.68
C GLU B 158 16.11 -24.35 -33.68
N ASP B 159 15.64 -25.22 -32.79
CA ASP B 159 14.58 -24.86 -31.86
C ASP B 159 15.19 -23.96 -30.78
N GLN B 160 14.76 -22.71 -30.73
CA GLN B 160 15.38 -21.77 -29.79
C GLN B 160 14.98 -22.05 -28.35
N GLY B 161 13.97 -22.88 -28.13
CA GLY B 161 13.61 -23.30 -26.79
C GLY B 161 12.67 -22.39 -26.06
N TRP B 162 12.08 -21.41 -26.75
CA TRP B 162 11.03 -20.56 -26.20
C TRP B 162 10.23 -20.02 -27.38
N ASN B 163 8.97 -19.72 -27.11
CA ASN B 163 8.09 -19.37 -28.20
C ASN B 163 8.50 -18.03 -28.84
N MET B 164 8.24 -17.96 -30.14
CA MET B 164 8.68 -16.88 -31.04
C MET B 164 7.71 -15.71 -30.95
N GLY B 165 7.76 -15.04 -29.80
CA GLY B 165 6.91 -13.88 -29.57
C GLY B 165 5.59 -14.21 -28.93
N ASP B 166 4.83 -13.15 -28.70
CA ASP B 166 3.50 -13.20 -28.08
C ASP B 166 2.76 -11.95 -28.55
N ILE B 167 2.32 -11.96 -29.79
CA ILE B 167 1.72 -10.79 -30.40
C ILE B 167 0.39 -10.52 -29.73
N GLN B 168 0.13 -9.24 -29.44
CA GLN B 168 -1.18 -8.78 -28.97
C GLN B 168 -1.58 -7.64 -29.89
N ALA B 169 -2.68 -7.81 -30.62
CA ALA B 169 -3.02 -6.90 -31.71
C ALA B 169 -4.48 -6.50 -31.66
N ILE B 170 -4.73 -5.29 -32.18
CA ILE B 170 -6.10 -4.78 -32.37
C ILE B 170 -6.19 -4.28 -33.80
N ARG B 171 -7.23 -4.68 -34.53
CA ARG B 171 -7.47 -4.14 -35.87
C ARG B 171 -8.76 -3.33 -35.85
N VAL B 172 -8.73 -2.18 -36.52
CA VAL B 172 -9.88 -1.28 -36.61
C VAL B 172 -10.31 -1.25 -38.07
N ASN B 173 -11.60 -1.48 -38.30
CA ASN B 173 -12.15 -1.59 -39.67
C ASN B 173 -13.34 -0.66 -39.70
N GLY B 174 -13.12 0.56 -40.17
CA GLY B 174 -14.15 1.57 -40.04
C GLY B 174 -14.40 1.84 -38.58
N LYS B 175 -15.62 1.59 -38.12
CA LYS B 175 -15.95 1.76 -36.71
C LYS B 175 -15.78 0.49 -35.89
N ALA B 176 -15.61 -0.67 -36.53
CA ALA B 176 -15.54 -1.95 -35.83
C ALA B 176 -14.12 -2.26 -35.37
N LEU B 177 -14.01 -3.02 -34.29
CA LEU B 177 -12.73 -3.44 -33.75
C LEU B 177 -12.69 -4.95 -33.57
N GLU B 178 -11.50 -5.53 -33.72
CA GLU B 178 -11.27 -6.94 -33.43
C GLU B 178 -9.92 -7.06 -32.73
N THR B 179 -9.79 -8.09 -31.90
CA THR B 179 -8.55 -8.32 -31.19
C THR B 179 -7.99 -9.69 -31.57
N ALA B 180 -6.70 -9.85 -31.36
CA ALA B 180 -6.05 -11.15 -31.52
C ALA B 180 -4.97 -11.27 -30.47
N SER B 181 -4.98 -12.41 -29.77
CA SER B 181 -3.97 -12.76 -28.78
C SER B 181 -3.23 -13.99 -29.26
N ASP B 182 -1.92 -13.92 -29.25
CA ASP B 182 -1.10 -14.98 -29.81
C ASP B 182 -1.40 -16.32 -29.11
N PRO B 183 -1.68 -17.40 -29.87
CA PRO B 183 -1.82 -18.72 -29.25
C PRO B 183 -0.57 -19.22 -28.56
N ARG B 184 0.58 -18.59 -28.80
CA ARG B 184 1.80 -18.98 -28.09
C ARG B 184 1.76 -18.60 -26.63
N GLY B 185 0.89 -17.67 -26.23
CA GLY B 185 0.84 -17.21 -24.87
C GLY B 185 -0.54 -17.35 -24.28
N ARG B 186 -0.80 -16.68 -23.15
CA ARG B 186 -2.06 -16.82 -22.45
C ARG B 186 -2.88 -15.54 -22.49
N GLY B 187 -2.69 -14.76 -23.56
CA GLY B 187 -3.34 -13.47 -23.67
C GLY B 187 -4.84 -13.58 -23.95
N VAL B 188 -5.49 -12.46 -23.69
CA VAL B 188 -6.92 -12.27 -23.78
C VAL B 188 -7.18 -10.93 -24.42
N GLY B 189 -8.18 -10.88 -25.30
CA GLY B 189 -8.60 -9.63 -25.91
C GLY B 189 -10.08 -9.43 -25.67
N MET B 190 -10.49 -8.16 -25.63
CA MET B 190 -11.88 -7.84 -25.36
C MET B 190 -12.24 -6.55 -26.09
N VAL B 191 -13.43 -6.53 -26.70
CA VAL B 191 -14.01 -5.29 -27.21
C VAL B 191 -15.02 -4.82 -26.18
N VAL B 192 -15.02 -3.52 -25.91
CA VAL B 192 -15.81 -2.92 -24.85
C VAL B 192 -16.74 -1.88 -25.48
N LYS B 193 -18.05 -2.12 -25.36
CA LYS B 193 -19.02 -1.17 -25.87
C LYS B 193 -18.81 0.19 -25.19
N PRO B 194 -19.15 1.29 -25.87
CA PRO B 194 -18.94 2.61 -25.28
C PRO B 194 -19.83 2.81 -24.06
N THR C 2 -8.49 -2.04 53.83
CA THR C 2 -9.09 -0.94 54.59
C THR C 2 -8.19 0.31 54.57
N LEU C 3 -8.70 1.39 53.99
CA LEU C 3 -7.97 2.64 53.82
C LEU C 3 -8.64 3.74 54.64
N ASP C 4 -8.00 4.91 54.67
CA ASP C 4 -8.60 6.07 55.34
C ASP C 4 -9.94 6.43 54.74
N GLY C 5 -10.18 6.07 53.48
CA GLY C 5 -11.43 6.41 52.83
C GLY C 5 -11.41 5.97 51.39
N GLY C 6 -12.34 6.52 50.62
CA GLY C 6 -12.39 6.32 49.19
C GLY C 6 -11.88 7.58 48.49
N ALA C 7 -11.73 7.45 47.17
CA ALA C 7 -11.30 8.58 46.37
C ALA C 7 -11.82 8.43 44.95
N VAL C 8 -12.02 9.58 44.30
CA VAL C 8 -12.37 9.65 42.90
C VAL C 8 -11.48 10.67 42.22
N ALA C 9 -11.02 10.34 41.03
CA ALA C 9 -10.41 11.29 40.12
C ALA C 9 -11.25 11.21 38.86
N ALA C 10 -12.01 12.26 38.59
CA ALA C 10 -13.02 12.24 37.53
C ALA C 10 -12.77 13.40 36.59
N PRO C 11 -13.23 13.32 35.34
CA PRO C 11 -12.90 14.37 34.38
C PRO C 11 -13.70 15.65 34.54
N ASP C 12 -14.66 15.70 35.45
CA ASP C 12 -15.31 16.98 35.77
C ASP C 12 -15.80 16.93 37.22
N GLN C 13 -16.31 18.07 37.67
CA GLN C 13 -16.74 18.24 39.05
C GLN C 13 -17.98 17.43 39.36
N TYR C 14 -18.80 17.12 38.36
CA TYR C 14 -20.05 16.40 38.58
C TYR C 14 -19.79 14.91 38.74
N GLY C 15 -18.96 14.35 37.87
CA GLY C 15 -18.55 12.97 38.06
C GLY C 15 -17.93 12.75 39.42
N ALA C 16 -17.03 13.66 39.83
CA ALA C 16 -16.38 13.51 41.14
C ALA C 16 -17.41 13.55 42.27
N LYS C 17 -18.31 14.54 42.23
CA LYS C 17 -19.27 14.71 43.33
C LYS C 17 -20.19 13.49 43.47
N VAL C 18 -20.63 12.92 42.34
CA VAL C 18 -21.55 11.78 42.39
C VAL C 18 -20.84 10.56 42.95
N ALA C 19 -19.62 10.30 42.47
CA ALA C 19 -18.85 9.17 43.00
C ALA C 19 -18.69 9.28 44.50
N ALA C 20 -18.35 10.49 44.98
CA ALA C 20 -18.14 10.67 46.40
C ALA C 20 -19.43 10.45 47.18
N GLU C 21 -20.55 10.93 46.63
CA GLU C 21 -21.84 10.69 47.27
C GLU C 21 -22.14 9.20 47.38
N ILE C 22 -21.78 8.42 46.37
CA ILE C 22 -22.06 6.99 46.37
C ILE C 22 -21.18 6.26 47.37
N LEU C 23 -19.88 6.58 47.36
CA LEU C 23 -18.97 6.00 48.35
C LEU C 23 -19.44 6.33 49.76
N LYS C 24 -19.93 7.56 49.97
CA LYS C 24 -20.39 7.99 51.28
C LYS C 24 -21.62 7.21 51.74
N LYS C 25 -22.41 6.66 50.81
CA LYS C 25 -23.60 5.87 51.14
C LYS C 25 -23.29 4.41 51.44
N GLY C 26 -22.05 3.97 51.32
CA GLY C 26 -21.73 2.56 51.45
C GLY C 26 -21.63 1.82 50.14
N GLY C 27 -21.90 2.48 49.02
CA GLY C 27 -21.60 1.88 47.73
C GLY C 27 -20.12 1.60 47.59
N ASN C 28 -19.79 0.58 46.83
CA ASN C 28 -18.40 0.25 46.59
C ASN C 28 -17.92 0.96 45.31
N ALA C 29 -16.68 0.67 44.90
CA ALA C 29 -16.11 1.38 43.76
C ALA C 29 -16.88 1.13 42.47
N VAL C 30 -17.52 -0.04 42.36
CA VAL C 30 -18.27 -0.35 41.14
C VAL C 30 -19.59 0.40 41.14
N ASP C 31 -20.29 0.41 42.28
CA ASP C 31 -21.46 1.27 42.43
C ASP C 31 -21.15 2.70 42.02
N ALA C 32 -20.05 3.26 42.56
CA ALA C 32 -19.67 4.63 42.26
C ALA C 32 -19.33 4.81 40.78
N ALA C 33 -18.62 3.85 40.21
CA ALA C 33 -18.26 3.93 38.79
C ALA C 33 -19.50 3.96 37.90
N VAL C 34 -20.49 3.13 38.23
CA VAL C 34 -21.72 3.10 37.44
C VAL C 34 -22.43 4.44 37.51
N ALA C 35 -22.64 4.96 38.73
CA ALA C 35 -23.26 6.27 38.87
C ALA C 35 -22.46 7.33 38.14
N THR C 36 -21.12 7.27 38.25
CA THR C 36 -20.25 8.26 37.63
C THR C 36 -20.34 8.21 36.10
N ALA C 37 -20.33 7.00 35.55
CA ALA C 37 -20.41 6.82 34.10
C ALA C 37 -21.72 7.35 33.54
N PHE C 38 -22.84 7.11 34.24
CA PHE C 38 -24.09 7.67 33.76
C PHE C 38 -24.12 9.18 33.94
N THR C 39 -23.55 9.69 35.05
CA THR C 39 -23.48 11.14 35.28
C THR C 39 -22.74 11.82 34.15
N LEU C 40 -21.58 11.26 33.77
CA LEU C 40 -20.80 11.88 32.71
C LEU C 40 -21.46 11.73 31.35
N ALA C 41 -22.36 10.74 31.18
CA ALA C 41 -23.12 10.67 29.95
C ALA C 41 -24.05 11.87 29.81
N VAL C 42 -24.30 12.57 30.90
CA VAL C 42 -25.09 13.79 30.89
C VAL C 42 -24.20 15.02 30.85
N THR C 43 -23.22 15.11 31.77
CA THR C 43 -22.46 16.34 31.97
C THR C 43 -21.21 16.43 31.11
N TYR C 44 -20.80 15.33 30.49
CA TYR C 44 -19.59 15.31 29.65
C TYR C 44 -19.94 14.68 28.30
N PRO C 45 -21.00 15.16 27.63
CA PRO C 45 -21.50 14.49 26.43
C PRO C 45 -20.51 14.41 25.28
N GLU C 46 -19.42 15.18 25.29
CA GLU C 46 -18.42 15.01 24.23
C GLU C 46 -17.77 13.62 24.27
N ALA C 47 -17.79 12.97 25.42
CA ALA C 47 -17.11 11.69 25.54
C ALA C 47 -17.84 10.74 26.48
N GLY C 48 -18.25 11.20 27.65
CA GLY C 48 -19.14 10.37 28.46
C GLY C 48 -20.40 10.08 27.67
N ASN C 49 -20.96 8.89 27.84
CA ASN C 49 -21.93 8.43 26.86
C ASN C 49 -22.77 7.24 27.33
N ILE C 50 -23.96 7.12 26.76
CA ILE C 50 -24.63 5.81 26.61
C ILE C 50 -24.65 5.33 25.18
N GLY C 51 -24.18 6.14 24.22
CA GLY C 51 -24.16 5.76 22.82
C GLY C 51 -22.81 5.29 22.30
N GLY C 52 -21.84 5.05 23.16
CA GLY C 52 -20.53 4.61 22.75
C GLY C 52 -20.14 3.29 23.40
N GLY C 53 -18.88 3.20 23.82
CA GLY C 53 -18.41 2.00 24.49
C GLY C 53 -17.11 2.28 25.20
N GLY C 54 -16.51 1.24 25.74
CA GLY C 54 -15.33 1.44 26.53
C GLY C 54 -14.91 0.16 27.21
N PHE C 55 -14.00 0.33 28.17
CA PHE C 55 -13.35 -0.74 28.88
C PHE C 55 -13.26 -0.35 30.35
N MET C 56 -13.37 -1.35 31.22
CA MET C 56 -13.26 -1.18 32.66
C MET C 56 -12.26 -2.19 33.20
N THR C 57 -11.22 -1.70 33.88
CA THR C 57 -10.30 -2.55 34.62
C THR C 57 -10.66 -2.44 36.09
N LEU C 58 -10.70 -3.57 36.79
CA LEU C 58 -11.17 -3.60 38.16
C LEU C 58 -10.21 -4.41 39.02
N TYR C 59 -10.19 -4.05 40.31
CA TYR C 59 -9.54 -4.85 41.35
C TYR C 59 -10.51 -4.95 42.53
N VAL C 60 -11.05 -6.15 42.75
CA VAL C 60 -12.13 -6.35 43.72
C VAL C 60 -11.74 -7.51 44.63
N ASP C 61 -11.70 -7.24 45.94
CA ASP C 61 -11.42 -8.25 46.94
C ASP C 61 -10.16 -9.03 46.55
N GLY C 62 -9.13 -8.28 46.18
CA GLY C 62 -7.82 -8.82 45.94
C GLY C 62 -7.61 -9.48 44.60
N LYS C 63 -8.57 -9.35 43.66
CA LYS C 63 -8.48 -9.99 42.36
C LYS C 63 -8.72 -9.00 41.23
N PRO C 64 -8.02 -9.15 40.11
CA PRO C 64 -8.22 -8.27 38.96
C PRO C 64 -9.31 -8.79 38.03
N TYR C 65 -9.98 -7.84 37.38
CA TYR C 65 -11.00 -8.15 36.38
C TYR C 65 -10.93 -7.13 35.24
N PHE C 66 -11.47 -7.51 34.11
CA PHE C 66 -11.53 -6.63 32.95
C PHE C 66 -12.83 -6.86 32.21
N LEU C 67 -13.51 -5.75 31.88
CA LEU C 67 -14.79 -5.81 31.19
C LEU C 67 -14.70 -5.02 29.90
N ASP C 68 -14.98 -5.70 28.80
CA ASP C 68 -14.93 -5.12 27.45
C ASP C 68 -16.36 -4.82 27.02
N TYR C 69 -16.68 -3.52 26.93
CA TYR C 69 -17.96 -3.10 26.37
C TYR C 69 -17.72 -2.17 25.20
N ARG C 70 -16.72 -2.55 24.39
CA ARG C 70 -16.41 -1.93 23.12
C ARG C 70 -17.53 -2.17 22.12
N GLU C 71 -17.78 -1.16 21.28
CA GLU C 71 -18.80 -1.33 20.24
C GLU C 71 -18.40 -2.43 19.26
N ILE C 72 -19.41 -2.96 18.56
CA ILE C 72 -19.18 -3.95 17.50
C ILE C 72 -19.73 -3.40 16.18
N ALA C 73 -19.06 -3.78 15.09
CA ALA C 73 -19.56 -3.46 13.76
C ALA C 73 -20.95 -4.04 13.55
N PRO C 74 -21.87 -3.29 12.95
CA PRO C 74 -23.17 -3.89 12.57
C PRO C 74 -23.03 -5.09 11.67
N LYS C 75 -24.05 -5.94 11.71
CA LYS C 75 -24.06 -7.16 10.90
C LYS C 75 -24.02 -6.86 9.40
N ALA C 76 -24.52 -5.70 9.00
CA ALA C 76 -24.48 -5.32 7.59
C ALA C 76 -23.17 -4.64 7.20
N ALA C 77 -22.24 -4.44 8.13
CA ALA C 77 -20.98 -3.80 7.78
C ALA C 77 -20.16 -4.66 6.84
N THR C 78 -19.36 -3.98 5.99
CA THR C 78 -18.52 -4.65 5.01
C THR C 78 -17.15 -3.98 5.00
N LYS C 79 -16.19 -4.73 4.50
CA LYS C 79 -14.80 -4.28 4.51
C LYS C 79 -14.62 -2.96 3.78
N THR C 80 -15.34 -2.77 2.67
CA THR C 80 -15.17 -1.62 1.80
C THR C 80 -16.24 -0.55 1.98
N MET C 81 -16.97 -0.57 3.10
CA MET C 81 -18.15 0.26 3.22
C MET C 81 -17.85 1.77 3.20
N TYR C 82 -16.60 2.19 3.47
CA TYR C 82 -16.29 3.62 3.43
C TYR C 82 -15.56 4.02 2.16
N LEU C 83 -15.52 3.17 1.16
CA LEU C 83 -14.88 3.49 -0.11
C LEU C 83 -15.91 3.93 -1.13
N ASN C 84 -15.54 4.89 -1.97
CA ASN C 84 -16.42 5.33 -3.03
C ASN C 84 -16.18 4.44 -4.25
N GLU C 85 -16.81 4.80 -5.37
CA GLU C 85 -16.73 3.98 -6.58
C GLU C 85 -15.33 3.89 -7.13
N LYS C 86 -14.44 4.78 -6.72
CA LYS C 86 -13.06 4.78 -7.17
C LYS C 86 -12.15 4.02 -6.23
N GLY C 87 -12.70 3.44 -5.16
CA GLY C 87 -11.88 2.80 -4.16
C GLY C 87 -11.24 3.75 -3.17
N GLU C 88 -11.59 5.05 -3.21
CA GLU C 88 -11.06 6.02 -2.26
C GLU C 88 -11.89 6.07 -1.00
N VAL C 89 -11.25 6.39 0.12
CA VAL C 89 -11.98 6.59 1.37
C VAL C 89 -12.82 7.86 1.27
N ILE C 90 -14.12 7.73 1.56
CA ILE C 90 -15.02 8.89 1.48
C ILE C 90 -14.76 9.77 2.71
N GLU C 91 -14.42 11.04 2.45
CA GLU C 91 -14.04 11.94 3.53
C GLU C 91 -15.10 11.96 4.63
N ASN C 92 -14.69 11.55 5.82
CA ASN C 92 -15.45 11.64 7.07
C ASN C 92 -16.67 10.72 7.12
N LEU C 93 -16.82 9.77 6.19
CA LEU C 93 -17.96 8.87 6.28
C LEU C 93 -17.85 7.96 7.50
N SER C 94 -16.63 7.64 7.93
CA SER C 94 -16.45 6.84 9.14
C SER C 94 -16.40 7.68 10.41
N LEU C 95 -16.56 9.01 10.29
CA LEU C 95 -16.48 9.94 11.40
C LEU C 95 -17.76 10.73 11.64
N VAL C 96 -18.57 10.98 10.62
CA VAL C 96 -19.74 11.85 10.72
C VAL C 96 -20.94 11.11 10.14
N GLY C 97 -22.06 11.13 10.85
CA GLY C 97 -23.28 10.50 10.36
C GLY C 97 -23.47 9.09 10.93
N ALA C 98 -24.65 8.53 10.59
CA ALA C 98 -25.09 7.29 11.24
C ALA C 98 -24.27 6.07 10.82
N LYS C 99 -23.68 6.07 9.63
CA LYS C 99 -22.86 4.93 9.23
C LYS C 99 -21.54 4.86 10.00
N ALA C 100 -21.18 5.90 10.75
CA ALA C 100 -19.95 5.89 11.53
C ALA C 100 -20.07 5.12 12.84
N ALA C 101 -21.26 4.67 13.19
CA ALA C 101 -21.54 4.18 14.54
C ALA C 101 -21.36 2.68 14.61
N GLY C 102 -20.63 2.23 15.62
CA GLY C 102 -20.71 0.87 16.07
C GLY C 102 -21.91 0.68 17.00
N VAL C 103 -22.26 -0.58 17.26
CA VAL C 103 -23.36 -0.90 18.17
C VAL C 103 -22.92 -0.51 19.58
N PRO C 104 -23.66 0.35 20.28
CA PRO C 104 -23.18 0.86 21.58
C PRO C 104 -23.12 -0.22 22.65
N GLY C 105 -22.09 -0.15 23.50
CA GLY C 105 -21.88 -1.13 24.55
C GLY C 105 -21.98 -0.65 25.98
N THR C 106 -21.94 0.67 26.19
CA THR C 106 -21.80 1.24 27.53
C THR C 106 -22.92 0.79 28.46
N VAL C 107 -24.19 0.88 28.05
CA VAL C 107 -25.25 0.50 28.98
C VAL C 107 -25.10 -0.95 29.38
N MET C 108 -24.78 -1.82 28.42
CA MET C 108 -24.58 -3.22 28.76
C MET C 108 -23.38 -3.40 29.69
N GLY C 109 -22.29 -2.68 29.41
CA GLY C 109 -21.09 -2.76 30.25
C GLY C 109 -21.35 -2.36 31.69
N LEU C 110 -21.99 -1.20 31.88
CA LEU C 110 -22.26 -0.75 33.24
C LEU C 110 -23.18 -1.73 33.96
N TRP C 111 -24.12 -2.33 33.22
CA TRP C 111 -25.02 -3.32 33.82
C TRP C 111 -24.26 -4.56 34.27
N GLU C 112 -23.39 -5.09 33.42
CA GLU C 112 -22.69 -6.32 33.79
C GLU C 112 -21.76 -6.07 34.97
N ALA C 113 -21.09 -4.92 34.98
CA ALA C 113 -20.23 -4.61 36.12
C ALA C 113 -21.04 -4.53 37.40
N HIS C 114 -22.19 -3.85 37.36
CA HIS C 114 -23.01 -3.73 38.55
C HIS C 114 -23.60 -5.08 38.97
N GLN C 115 -24.07 -5.86 38.00
CA GLN C 115 -24.68 -7.16 38.34
C GLN C 115 -23.68 -8.05 39.07
N ARG C 116 -22.41 -7.99 38.68
CA ARG C 116 -21.42 -8.86 39.30
C ARG C 116 -20.94 -8.33 40.64
N PHE C 117 -20.73 -7.00 40.77
CA PHE C 117 -20.03 -6.47 41.94
C PHE C 117 -20.77 -5.41 42.76
N GLY C 118 -21.83 -4.80 42.23
CA GLY C 118 -22.49 -3.72 42.93
C GLY C 118 -23.16 -4.17 44.23
N LYS C 119 -23.40 -3.19 45.09
CA LYS C 119 -24.10 -3.41 46.35
C LYS C 119 -25.36 -2.58 46.49
N LEU C 120 -25.51 -1.51 45.71
CA LEU C 120 -26.66 -0.63 45.78
C LEU C 120 -27.62 -0.94 44.63
N LYS C 121 -28.84 -0.46 44.76
CA LYS C 121 -29.86 -0.73 43.74
C LYS C 121 -29.55 0.00 42.45
N TRP C 122 -29.67 -0.73 41.34
CA TRP C 122 -29.42 -0.18 40.01
C TRP C 122 -30.12 1.17 39.82
N SER C 123 -31.43 1.22 40.08
CA SER C 123 -32.15 2.47 39.88
C SER C 123 -31.54 3.60 40.69
N GLU C 124 -31.08 3.30 41.91
CA GLU C 124 -30.49 4.32 42.76
C GLU C 124 -29.26 4.93 42.12
N LEU C 125 -28.54 4.15 41.31
CA LEU C 125 -27.31 4.61 40.70
C LEU C 125 -27.53 5.55 39.52
N LEU C 126 -28.75 5.62 38.98
CA LEU C 126 -29.02 6.48 37.85
C LEU C 126 -29.68 7.80 38.22
N THR C 127 -30.22 7.93 39.44
CA THR C 127 -30.91 9.16 39.79
C THR C 127 -29.97 10.37 39.79
N PRO C 128 -28.72 10.27 40.23
CA PRO C 128 -27.82 11.44 40.08
C PRO C 128 -27.77 11.92 38.64
N ALA C 129 -27.50 11.01 37.69
CA ALA C 129 -27.49 11.40 36.28
C ALA C 129 -28.85 11.94 35.87
N ILE C 130 -29.93 11.28 36.27
CA ILE C 130 -31.26 11.79 35.93
C ILE C 130 -31.39 13.21 36.48
N GLY C 131 -30.90 13.42 37.71
CA GLY C 131 -30.96 14.76 38.31
C GLY C 131 -30.23 15.81 37.47
N TYR C 132 -29.00 15.51 37.06
CA TYR C 132 -28.29 16.44 36.20
C TYR C 132 -28.97 16.61 34.86
N ALA C 133 -29.62 15.57 34.35
CA ALA C 133 -30.34 15.73 33.10
C ALA C 133 -31.57 16.63 33.29
N GLN C 134 -32.24 16.51 34.42
CA GLN C 134 -33.46 17.25 34.65
C GLN C 134 -33.16 18.69 35.05
N THR C 135 -32.32 18.87 36.06
CA THR C 135 -32.08 20.17 36.67
C THR C 135 -30.90 20.92 36.03
N GLY C 136 -30.02 20.24 35.33
CA GLY C 136 -29.02 20.90 34.51
C GLY C 136 -27.63 20.84 35.11
N PHE C 137 -26.66 21.25 34.30
CA PHE C 137 -25.27 21.37 34.74
C PHE C 137 -24.65 22.55 34.02
N LYS C 138 -23.62 23.12 34.62
CA LYS C 138 -22.96 24.28 34.04
C LYS C 138 -21.95 23.82 32.99
N VAL C 139 -22.10 24.36 31.79
CA VAL C 139 -21.20 24.00 30.70
C VAL C 139 -19.84 24.60 30.98
N ALA C 140 -18.80 23.90 30.55
CA ALA C 140 -17.42 24.28 30.83
C ALA C 140 -16.80 24.98 29.62
N ASP C 141 -15.73 25.73 29.89
CA ASP C 141 -15.07 26.48 28.83
C ASP C 141 -14.58 25.55 27.72
N GLN C 142 -13.86 24.49 28.09
CA GLN C 142 -13.25 23.63 27.09
C GLN C 142 -14.32 22.84 26.37
N GLN C 143 -15.34 22.41 27.11
CA GLN C 143 -16.46 21.68 26.56
C GLN C 143 -17.16 22.50 25.48
N TYR C 144 -17.43 23.77 25.76
CA TYR C 144 -17.99 24.66 24.75
C TYR C 144 -17.08 24.74 23.53
N GLN C 145 -15.76 24.82 23.73
CA GLN C 145 -14.85 24.87 22.60
C GLN C 145 -14.94 23.61 21.74
N TYR C 146 -14.98 22.45 22.37
CA TYR C 146 -15.17 21.23 21.59
C TYR C 146 -16.50 21.26 20.85
N ARG C 147 -17.55 21.81 21.48
CA ARG C 147 -18.85 21.90 20.81
C ARG C 147 -18.73 22.72 19.54
N GLN C 148 -18.05 23.88 19.63
CA GLN C 148 -17.84 24.71 18.46
C GLN C 148 -17.07 23.94 17.39
N ASP C 149 -16.07 23.15 17.79
CA ASP C 149 -15.26 22.42 16.82
C ASP C 149 -16.06 21.31 16.16
N ALA C 150 -16.95 20.68 16.91
CA ALA C 150 -17.75 19.58 16.39
C ALA C 150 -18.77 20.08 15.39
N ILE C 151 -19.55 21.10 15.77
CA ILE C 151 -20.48 21.79 14.88
C ILE C 151 -19.80 22.01 13.54
N ALA C 152 -18.63 22.65 13.55
CA ALA C 152 -17.86 22.82 12.33
C ALA C 152 -17.73 21.50 11.58
N LEU C 153 -17.12 20.49 12.22
CA LEU C 153 -16.84 19.22 11.54
C LEU C 153 -18.10 18.58 10.98
N PHE C 154 -19.22 18.69 11.69
CA PHE C 154 -20.43 18.00 11.24
C PHE C 154 -21.01 18.70 10.02
N ASN C 155 -20.80 20.01 9.90
CA ASN C 155 -21.08 20.73 8.65
C ASN C 155 -22.56 20.62 8.26
N GLY C 156 -23.45 20.76 9.24
CA GLY C 156 -24.87 20.66 8.99
C GLY C 156 -25.29 19.34 8.38
N LYS C 157 -24.61 18.24 8.72
CA LYS C 157 -24.89 16.93 8.16
C LYS C 157 -25.61 16.02 9.15
N THR C 158 -25.87 16.50 10.36
CA THR C 158 -26.55 15.71 11.40
C THR C 158 -27.52 16.63 12.12
N ASN C 159 -28.14 16.11 13.18
CA ASN C 159 -29.05 16.87 14.02
C ASN C 159 -28.38 17.34 15.30
N PHE C 160 -27.05 17.36 15.32
CA PHE C 160 -26.31 17.81 16.50
C PHE C 160 -26.86 19.14 17.03
N GLY C 161 -26.99 20.12 16.13
CA GLY C 161 -27.43 21.43 16.56
C GLY C 161 -28.79 21.44 17.26
N ASP C 162 -29.70 20.57 16.84
CA ASP C 162 -31.03 20.53 17.45
C ASP C 162 -30.95 20.24 18.94
N TYR C 163 -29.91 19.53 19.38
CA TYR C 163 -29.79 19.10 20.77
C TYR C 163 -28.71 19.81 21.55
N PHE C 164 -27.60 20.20 20.91
CA PHE C 164 -26.47 20.75 21.64
C PHE C 164 -26.09 22.15 21.16
N GLY C 165 -26.93 22.77 20.32
CA GLY C 165 -26.65 24.12 19.86
C GLY C 165 -26.81 25.20 20.90
N THR C 166 -27.53 24.91 21.99
CA THR C 166 -27.76 25.91 23.03
C THR C 166 -26.77 25.81 24.19
N MET C 167 -25.81 24.87 24.15
CA MET C 167 -24.84 24.79 25.23
C MET C 167 -24.06 26.11 25.33
N LYS C 168 -24.16 26.76 26.49
CA LYS C 168 -23.40 27.98 26.72
C LYS C 168 -22.56 27.84 27.99
N PRO C 169 -21.32 28.31 27.96
CA PRO C 169 -20.42 28.12 29.09
C PRO C 169 -20.89 28.88 30.33
N GLY C 170 -20.69 28.26 31.50
CA GLY C 170 -21.16 28.82 32.75
C GLY C 170 -22.66 28.82 32.95
N GLU C 171 -23.43 28.23 32.03
CA GLU C 171 -24.88 28.31 32.07
C GLU C 171 -25.49 26.92 32.19
N VAL C 172 -26.69 26.86 32.75
CA VAL C 172 -27.37 25.59 33.00
C VAL C 172 -27.83 24.99 31.68
N PHE C 173 -27.36 23.76 31.40
CA PHE C 173 -27.77 23.01 30.23
C PHE C 173 -28.61 21.81 30.68
N LYS C 174 -29.82 21.67 30.12
CA LYS C 174 -30.75 20.63 30.52
C LYS C 174 -31.04 19.72 29.33
N GLN C 175 -31.35 18.47 29.62
CA GLN C 175 -31.52 17.43 28.60
C GLN C 175 -32.74 16.60 28.92
N PRO C 176 -33.93 17.13 28.63
CA PRO C 176 -35.16 16.43 29.02
C PRO C 176 -35.32 15.05 28.39
N GLU C 177 -35.02 14.90 27.09
CA GLU C 177 -35.17 13.61 26.44
C GLU C 177 -34.21 12.58 27.01
N LEU C 178 -32.96 12.99 27.27
CA LEU C 178 -32.01 12.09 27.89
C LEU C 178 -32.42 11.73 29.31
N ALA C 179 -33.05 12.66 30.03
CA ALA C 179 -33.55 12.34 31.35
C ALA C 179 -34.55 11.20 31.28
N LYS C 180 -35.45 11.25 30.30
CA LYS C 180 -36.45 10.19 30.15
C LYS C 180 -35.81 8.86 29.73
N THR C 181 -34.79 8.91 28.88
CA THR C 181 -34.08 7.68 28.51
C THR C 181 -33.43 7.06 29.74
N LEU C 182 -32.75 7.87 30.55
CA LEU C 182 -32.12 7.33 31.74
C LEU C 182 -33.13 6.78 32.74
N GLU C 183 -34.30 7.40 32.85
CA GLU C 183 -35.32 6.82 33.72
C GLU C 183 -35.79 5.47 33.19
N ARG C 184 -35.93 5.33 31.88
CA ARG C 184 -36.29 4.02 31.34
C ARG C 184 -35.20 2.99 31.62
N ILE C 185 -33.93 3.39 31.48
CA ILE C 185 -32.83 2.46 31.79
C ILE C 185 -32.82 2.12 33.27
N ALA C 186 -33.09 3.10 34.14
CA ALA C 186 -33.15 2.81 35.57
C ALA C 186 -34.30 1.86 35.87
N ASP C 187 -35.41 2.01 35.16
CA ASP C 187 -36.63 1.23 35.39
C ASP C 187 -36.51 -0.17 34.80
N LYS C 188 -35.99 -0.27 33.57
CA LYS C 188 -36.04 -1.52 32.81
C LYS C 188 -34.71 -2.27 32.74
N GLY C 189 -33.60 -1.59 33.00
CA GLY C 189 -32.30 -2.14 32.78
C GLY C 189 -31.92 -2.00 31.32
N PRO C 190 -30.85 -2.67 30.89
CA PRO C 190 -30.45 -2.57 29.48
C PRO C 190 -31.54 -3.01 28.52
N ASP C 191 -32.53 -3.78 28.98
CA ASP C 191 -33.65 -4.13 28.12
C ASP C 191 -34.20 -2.92 27.38
N ASP C 192 -34.31 -1.78 28.05
CA ASP C 192 -34.84 -0.59 27.39
C ASP C 192 -33.97 -0.20 26.19
N PHE C 193 -32.66 -0.21 26.39
CA PHE C 193 -31.74 0.29 25.36
C PHE C 193 -31.62 -0.70 24.19
N TYR C 194 -31.62 -2.00 24.47
CA TYR C 194 -31.32 -2.98 23.44
C TYR C 194 -32.54 -3.69 22.90
N LYS C 195 -33.67 -3.62 23.62
CA LYS C 195 -34.91 -4.33 23.24
C LYS C 195 -36.18 -3.49 23.35
N GLY C 196 -36.18 -2.39 24.09
CA GLY C 196 -37.37 -1.63 24.43
C GLY C 196 -37.53 -0.30 23.70
N GLU C 197 -38.07 0.70 24.40
CA GLU C 197 -38.43 1.96 23.75
C GLU C 197 -37.20 2.67 23.18
N THR C 198 -36.12 2.72 23.94
CA THR C 198 -34.91 3.38 23.43
C THR C 198 -34.38 2.66 22.19
N ALA C 199 -34.37 1.32 22.22
CA ALA C 199 -33.96 0.54 21.05
C ALA C 199 -34.78 0.94 19.83
N LYS C 200 -36.11 1.04 20.00
CA LYS C 200 -36.96 1.42 18.88
C LYS C 200 -36.58 2.77 18.31
N LEU C 201 -36.26 3.75 19.18
CA LEU C 201 -35.88 5.08 18.71
C LEU C 201 -34.55 5.05 17.99
N LEU C 202 -33.61 4.25 18.48
CA LEU C 202 -32.31 4.12 17.80
C LEU C 202 -32.49 3.48 16.43
N ILE C 203 -33.31 2.43 16.35
CA ILE C 203 -33.55 1.77 15.06
C ILE C 203 -34.18 2.74 14.09
N ALA C 204 -35.15 3.53 14.56
CA ALA C 204 -35.81 4.52 13.70
C ALA C 204 -34.83 5.59 13.24
N GLN C 205 -33.94 6.05 14.11
CA GLN C 205 -32.92 7.01 13.72
C GLN C 205 -32.06 6.44 12.60
N MET C 206 -31.66 5.18 12.75
CA MET C 206 -30.87 4.51 11.73
C MET C 206 -31.64 4.39 10.42
N LYS C 207 -32.92 4.03 10.50
CA LYS C 207 -33.71 3.91 9.28
C LYS C 207 -33.79 5.26 8.58
N GLN C 208 -34.07 6.32 9.34
CA GLN C 208 -34.14 7.66 8.76
C GLN C 208 -32.84 8.04 8.08
N ASP C 209 -31.71 7.80 8.74
CA ASP C 209 -30.42 8.30 8.28
C ASP C 209 -29.68 7.37 7.34
N GLY C 210 -30.18 6.16 7.10
CA GLY C 210 -29.47 5.23 6.25
C GLY C 210 -28.35 4.51 6.95
N GLY C 211 -28.41 4.42 8.28
CA GLY C 211 -27.44 3.65 9.03
C GLY C 211 -27.77 2.17 9.01
N LEU C 212 -26.87 1.40 9.64
CA LEU C 212 -26.87 -0.05 9.51
C LEU C 212 -27.40 -0.79 10.74
N ILE C 213 -27.48 -0.13 11.89
CA ILE C 213 -27.80 -0.85 13.12
C ILE C 213 -29.27 -1.24 13.12
N THR C 214 -29.52 -2.50 13.42
CA THR C 214 -30.85 -3.09 13.39
C THR C 214 -31.18 -3.67 14.76
N SER C 215 -32.42 -4.11 14.93
CA SER C 215 -32.79 -4.77 16.17
C SER C 215 -31.91 -5.99 16.42
N ASP C 216 -31.62 -6.76 15.37
CA ASP C 216 -30.74 -7.93 15.53
C ASP C 216 -29.39 -7.54 16.15
N ASP C 217 -28.84 -6.40 15.71
CA ASP C 217 -27.55 -5.94 16.23
C ASP C 217 -27.64 -5.65 17.72
N LEU C 218 -28.72 -4.99 18.14
CA LEU C 218 -28.84 -4.62 19.54
C LEU C 218 -29.10 -5.83 20.41
N VAL C 219 -29.97 -6.75 19.96
CA VAL C 219 -30.24 -7.95 20.74
C VAL C 219 -29.00 -8.83 20.86
N ASP C 220 -28.10 -8.78 19.89
CA ASP C 220 -26.95 -9.65 19.95
C ASP C 220 -25.80 -9.05 20.74
N TYR C 221 -25.87 -7.77 21.08
CA TYR C 221 -24.74 -7.16 21.76
C TYR C 221 -24.51 -7.81 23.12
N GLN C 222 -23.24 -8.13 23.41
CA GLN C 222 -22.85 -8.58 24.74
C GLN C 222 -21.55 -7.91 25.17
N ALA C 223 -21.47 -7.48 26.42
CA ALA C 223 -20.19 -7.10 27.00
C ALA C 223 -19.44 -8.37 27.36
N LYS C 224 -18.11 -8.32 27.32
CA LYS C 224 -17.29 -9.52 27.45
C LYS C 224 -16.31 -9.35 28.59
N TRP C 225 -16.40 -10.22 29.59
CA TRP C 225 -15.30 -10.29 30.56
C TRP C 225 -14.09 -10.98 29.94
N ARG C 226 -12.91 -10.43 30.19
CA ARG C 226 -11.66 -10.98 29.67
C ARG C 226 -10.60 -10.95 30.76
N GLU C 227 -9.60 -11.82 30.61
CA GLU C 227 -8.43 -11.78 31.48
C GLU C 227 -7.66 -10.48 31.25
N PRO C 228 -7.43 -9.67 32.28
CA PRO C 228 -6.67 -8.44 32.05
C PRO C 228 -5.23 -8.77 31.68
N MET C 229 -4.63 -7.87 30.92
CA MET C 229 -3.20 -7.91 30.66
C MET C 229 -2.48 -7.65 31.97
N ARG C 230 -1.55 -8.52 32.31
CA ARG C 230 -0.74 -8.35 33.49
C ARG C 230 0.71 -8.10 33.09
N ILE C 231 1.30 -7.06 33.66
CA ILE C 231 2.68 -6.68 33.40
C ILE C 231 3.35 -6.48 34.74
N ASP C 232 4.43 -7.21 34.97
CA ASP C 232 5.20 -7.11 36.21
C ASP C 232 6.55 -6.46 35.93
N TRP C 233 6.93 -5.50 36.77
CA TRP C 233 8.23 -4.86 36.71
C TRP C 233 8.49 -4.22 38.06
N GLN C 234 9.75 -4.26 38.49
CA GLN C 234 10.21 -3.55 39.69
C GLN C 234 9.39 -3.92 40.93
N GLY C 235 8.85 -5.14 40.95
CA GLY C 235 7.98 -5.57 42.04
C GLY C 235 6.57 -5.05 41.98
N ASN C 236 6.21 -4.32 40.94
CA ASN C 236 4.85 -3.85 40.75
C ASN C 236 4.15 -4.78 39.76
N THR C 237 2.82 -4.82 39.86
CA THR C 237 2.00 -5.52 38.88
C THR C 237 0.99 -4.54 38.31
N LEU C 238 1.05 -4.34 36.99
CA LEU C 238 0.15 -3.49 36.25
C LEU C 238 -0.92 -4.35 35.57
N TYR C 239 -2.18 -4.08 35.88
CA TYR C 239 -3.31 -4.66 35.16
C TYR C 239 -3.87 -3.62 34.21
N THR C 240 -4.02 -3.99 32.94
CA THR C 240 -4.49 -3.05 31.92
C THR C 240 -5.24 -3.84 30.84
N ALA C 241 -5.59 -3.16 29.76
CA ALA C 241 -6.55 -3.68 28.78
C ALA C 241 -5.87 -4.64 27.81
N PRO C 242 -6.38 -5.86 27.69
CA PRO C 242 -5.92 -6.78 26.65
C PRO C 242 -6.67 -6.47 25.35
N LEU C 243 -6.37 -7.26 24.32
CA LEU C 243 -7.14 -7.14 23.08
C LEU C 243 -8.63 -7.21 23.40
N PRO C 244 -9.48 -6.42 22.73
CA PRO C 244 -9.19 -5.61 21.54
C PRO C 244 -8.55 -4.25 21.77
N SER C 245 -8.04 -3.99 22.97
CA SER C 245 -7.14 -2.85 23.11
C SER C 245 -5.73 -3.26 22.73
N SER C 246 -5.06 -2.38 22.01
CA SER C 246 -3.64 -2.50 21.72
C SER C 246 -2.78 -2.03 22.88
N GLY C 247 -3.39 -1.45 23.92
CA GLY C 247 -2.60 -0.78 24.95
C GLY C 247 -1.88 -1.75 25.85
N GLY C 248 -2.49 -2.90 26.15
CA GLY C 248 -1.86 -3.87 27.03
C GLY C 248 -0.60 -4.44 26.44
N ILE C 249 -0.67 -4.88 25.19
CA ILE C 249 0.52 -5.34 24.46
C ILE C 249 1.52 -4.20 24.33
N ALA C 250 1.05 -2.99 23.96
CA ALA C 250 1.97 -1.86 23.84
C ALA C 250 2.71 -1.60 25.14
N LEU C 251 1.99 -1.56 26.26
CA LEU C 251 2.62 -1.26 27.54
C LEU C 251 3.57 -2.36 27.97
N ALA C 252 3.24 -3.61 27.66
CA ALA C 252 4.16 -4.71 27.97
C ALA C 252 5.47 -4.51 27.23
N GLN C 253 5.38 -4.09 25.96
CA GLN C 253 6.57 -3.88 25.15
C GLN C 253 7.30 -2.61 25.57
N LEU C 254 6.57 -1.52 25.79
CA LEU C 254 7.20 -0.26 26.19
C LEU C 254 7.98 -0.39 27.49
N ILE C 255 7.31 -0.92 28.52
CA ILE C 255 7.95 -1.12 29.83
C ILE C 255 9.08 -2.13 29.72
N GLY C 256 8.82 -3.23 29.02
CA GLY C 256 9.82 -4.29 28.92
C GLY C 256 11.06 -3.81 28.18
N ILE C 257 10.87 -3.08 27.08
CA ILE C 257 12.01 -2.57 26.33
C ILE C 257 12.73 -1.48 27.11
N LYS C 258 12.00 -0.56 27.74
CA LYS C 258 12.69 0.47 28.51
C LYS C 258 13.55 -0.16 29.60
N GLU C 259 13.04 -1.21 30.27
CA GLU C 259 13.86 -1.87 31.29
C GLU C 259 15.11 -2.49 30.69
N GLN C 260 14.98 -3.13 29.52
CA GLN C 260 16.16 -3.71 28.86
C GLN C 260 17.19 -2.65 28.48
N ARG C 261 16.75 -1.45 28.16
CA ARG C 261 17.66 -0.37 27.77
C ARG C 261 18.02 0.53 28.94
N ALA C 262 17.97 0.02 30.18
CA ALA C 262 18.15 0.88 31.34
C ALA C 262 19.48 1.61 31.27
N ALA C 263 20.52 0.99 30.71
CA ALA C 263 21.82 1.66 30.66
C ALA C 263 21.78 2.92 29.82
N ASP C 264 20.97 2.94 28.76
CA ASP C 264 20.88 4.11 27.90
C ASP C 264 20.09 5.23 28.56
N PHE C 265 19.19 4.89 29.49
CA PHE C 265 18.43 5.88 30.21
C PHE C 265 19.15 6.39 31.45
N LYS C 266 20.25 5.75 31.86
CA LYS C 266 20.94 6.15 33.09
C LYS C 266 21.48 7.55 32.95
N GLY C 267 21.11 8.41 33.89
CA GLY C 267 21.60 9.78 33.89
C GLY C 267 20.99 10.69 32.85
N VAL C 268 19.93 10.26 32.18
CA VAL C 268 19.25 11.03 31.14
C VAL C 268 18.05 11.72 31.79
N GLU C 269 17.97 13.03 31.62
CA GLU C 269 16.91 13.81 32.26
C GLU C 269 15.60 13.61 31.53
N LEU C 270 14.52 13.66 32.31
CA LEU C 270 13.19 13.59 31.75
C LEU C 270 12.99 14.68 30.70
N ASN C 271 12.54 14.26 29.52
CA ASN C 271 12.19 15.14 28.40
C ASN C 271 13.36 15.92 27.85
N SER C 272 14.56 15.40 28.06
CA SER C 272 15.72 15.79 27.26
C SER C 272 15.56 15.22 25.84
N ALA C 273 16.39 15.70 24.91
CA ALA C 273 16.31 15.18 23.56
C ALA C 273 16.62 13.69 23.53
N LYS C 274 17.63 13.25 24.31
CA LYS C 274 17.96 11.82 24.28
C LYS C 274 16.81 10.99 24.84
N TYR C 275 16.20 11.47 25.94
CA TYR C 275 15.05 10.78 26.50
C TYR C 275 13.95 10.61 25.47
N ILE C 276 13.58 11.70 24.78
CA ILE C 276 12.47 11.65 23.84
C ILE C 276 12.84 10.81 22.62
N HIS C 277 14.08 10.92 22.17
CA HIS C 277 14.56 10.07 21.10
C HIS C 277 14.45 8.60 21.48
N LEU C 278 14.91 8.24 22.67
CA LEU C 278 14.82 6.84 23.10
C LEU C 278 13.37 6.36 23.11
N LEU C 279 12.45 7.14 23.69
CA LEU C 279 11.06 6.70 23.68
C LEU C 279 10.55 6.52 22.26
N SER C 280 10.91 7.45 21.35
CA SER C 280 10.48 7.35 19.96
C SER C 280 11.00 6.08 19.31
N GLU C 281 12.24 5.71 19.59
CA GLU C 281 12.82 4.48 19.06
C GLU C 281 12.03 3.25 19.51
N ILE C 282 11.59 3.26 20.77
CA ILE C 282 10.80 2.15 21.27
C ILE C 282 9.43 2.15 20.61
N GLU C 283 8.81 3.33 20.55
CA GLU C 283 7.47 3.45 19.96
C GLU C 283 7.46 3.03 18.48
N LYS C 284 8.55 3.25 17.74
CA LYS C 284 8.65 2.74 16.37
C LYS C 284 8.29 1.25 16.29
N ARG C 285 8.88 0.44 17.17
CA ARG C 285 8.70 -1.00 17.10
C ARG C 285 7.30 -1.38 17.57
N VAL C 286 6.82 -0.71 18.60
CA VAL C 286 5.47 -0.98 19.12
C VAL C 286 4.43 -0.76 18.02
N PHE C 287 4.53 0.36 17.30
CA PHE C 287 3.51 0.63 16.28
C PHE C 287 3.69 -0.20 15.01
N ALA C 288 4.90 -0.64 14.72
CA ALA C 288 5.08 -1.63 13.66
C ALA C 288 4.28 -2.89 13.97
N ASP C 289 4.34 -3.36 15.22
CA ASP C 289 3.62 -4.57 15.60
C ASP C 289 2.11 -4.30 15.64
N ARG C 290 1.72 -3.15 16.18
CA ARG C 290 0.31 -2.84 16.35
C ARG C 290 -0.42 -2.93 15.03
N ALA C 291 0.18 -2.32 13.99
CA ALA C 291 -0.48 -2.22 12.70
C ALA C 291 -0.60 -3.57 12.00
N ASP C 292 0.37 -4.45 12.22
N ASP C 292 0.34 -4.47 12.22
CA ASP C 292 0.41 -5.72 11.49
CA ASP C 292 0.33 -5.71 11.44
C ASP C 292 -0.44 -6.80 12.14
C ASP C 292 -0.33 -6.88 12.13
N TYR C 293 -0.42 -6.91 13.47
CA TYR C 293 -0.94 -8.09 14.15
C TYR C 293 -2.26 -7.92 14.89
N LEU C 294 -2.63 -6.72 15.30
CA LEU C 294 -3.59 -6.57 16.39
C LEU C 294 -4.98 -6.26 15.88
N GLY C 295 -5.95 -6.93 16.49
CA GLY C 295 -7.36 -6.74 16.19
C GLY C 295 -8.19 -7.57 17.15
N ASP C 296 -9.49 -7.57 16.90
CA ASP C 296 -10.39 -8.36 17.73
C ASP C 296 -9.89 -9.81 17.81
N PRO C 297 -9.57 -10.32 19.00
CA PRO C 297 -8.90 -11.64 19.06
C PRO C 297 -9.80 -12.81 18.71
N GLN C 298 -11.11 -12.61 18.55
CA GLN C 298 -11.99 -13.67 18.09
C GLN C 298 -12.12 -13.72 16.57
N PHE C 299 -11.48 -12.77 15.87
CA PHE C 299 -11.59 -12.69 14.42
C PHE C 299 -10.29 -13.02 13.70
N SER C 300 -9.20 -13.20 14.44
CA SER C 300 -7.97 -13.72 13.88
C SER C 300 -7.19 -14.30 15.05
N LYS C 301 -6.17 -15.10 14.72
CA LYS C 301 -5.33 -15.72 15.74
C LYS C 301 -4.19 -14.75 16.01
N VAL C 302 -4.39 -13.83 16.94
CA VAL C 302 -3.38 -12.81 17.23
C VAL C 302 -2.28 -13.44 18.08
N PRO C 303 -1.00 -13.26 17.72
CA PRO C 303 0.10 -13.90 18.46
C PRO C 303 0.50 -13.11 19.70
N VAL C 304 -0.42 -12.99 20.66
CA VAL C 304 -0.18 -12.17 21.84
C VAL C 304 1.00 -12.69 22.63
N ALA C 305 1.04 -14.01 22.85
CA ALA C 305 2.11 -14.59 23.67
C ALA C 305 3.47 -14.27 23.07
N GLN C 306 3.58 -14.39 21.74
CA GLN C 306 4.86 -14.16 21.08
C GLN C 306 5.30 -12.71 21.17
N LEU C 307 4.34 -11.76 21.13
CA LEU C 307 4.63 -10.33 21.16
C LEU C 307 4.98 -9.81 22.54
N THR C 308 4.77 -10.61 23.59
CA THR C 308 5.09 -10.21 24.95
C THR C 308 6.07 -11.19 25.60
N ASP C 309 6.65 -12.09 24.82
CA ASP C 309 7.61 -13.04 25.36
C ASP C 309 8.87 -12.28 25.73
N PRO C 310 9.43 -12.51 26.92
CA PRO C 310 10.66 -11.78 27.28
C PRO C 310 11.78 -11.86 26.25
N LYS C 311 11.94 -13.01 25.58
CA LYS C 311 12.98 -13.10 24.55
C LYS C 311 12.68 -12.18 23.38
N TYR C 312 11.40 -12.05 23.03
CA TYR C 312 11.02 -11.14 21.96
C TYR C 312 11.25 -9.70 22.36
N ILE C 313 10.92 -9.34 23.60
CA ILE C 313 11.12 -7.97 24.06
C ILE C 313 12.60 -7.62 24.06
N ALA C 314 13.46 -8.58 24.42
CA ALA C 314 14.90 -8.36 24.36
C ALA C 314 15.37 -8.15 22.93
N LYS C 315 14.81 -8.90 21.98
CA LYS C 315 15.18 -8.74 20.58
C LYS C 315 14.79 -7.36 20.06
N ARG C 316 13.56 -6.94 20.36
CA ARG C 316 13.11 -5.62 19.92
C ARG C 316 13.92 -4.52 20.60
N ALA C 317 14.25 -4.72 21.88
CA ALA C 317 15.05 -3.76 22.61
C ALA C 317 16.40 -3.58 21.94
N GLY C 318 16.98 -4.68 21.45
CA GLY C 318 18.25 -4.62 20.75
C GLY C 318 18.23 -3.74 19.51
N GLU C 319 17.06 -3.53 18.91
CA GLU C 319 16.94 -2.69 17.71
C GLU C 319 17.06 -1.21 18.02
N VAL C 320 16.76 -0.80 19.25
CA VAL C 320 16.77 0.62 19.61
C VAL C 320 18.13 1.20 19.35
N ASN C 321 18.16 2.31 18.61
CA ASN C 321 19.41 3.00 18.33
C ASN C 321 19.50 4.22 19.24
N PRO C 322 20.39 4.25 20.22
CA PRO C 322 20.36 5.35 21.19
C PRO C 322 20.99 6.63 20.66
N ASP C 323 21.70 6.56 19.52
CA ASP C 323 22.46 7.68 19.02
C ASP C 323 21.97 8.31 17.72
N ALA C 324 20.98 7.70 17.05
CA ALA C 324 20.51 8.18 15.77
C ALA C 324 19.15 7.58 15.50
N ILE C 325 18.38 8.21 14.62
CA ILE C 325 17.05 7.69 14.27
C ILE C 325 17.20 6.45 13.41
N SER C 326 16.50 5.38 13.79
CA SER C 326 16.44 4.18 12.95
C SER C 326 15.73 4.50 11.64
N ALA C 327 16.24 3.93 10.54
CA ALA C 327 15.58 4.07 9.26
C ALA C 327 14.17 3.49 9.33
N THR C 328 13.17 4.32 9.05
CA THR C 328 11.79 3.91 9.29
C THR C 328 11.41 2.72 8.41
N GLU C 329 11.88 2.69 7.16
CA GLU C 329 11.54 1.63 6.24
C GLU C 329 12.13 0.30 6.65
N LYS C 330 13.12 0.31 7.53
CA LYS C 330 13.72 -0.90 8.05
C LYS C 330 13.10 -1.37 9.36
N VAL C 331 12.13 -0.65 9.90
CA VAL C 331 11.43 -1.06 11.11
C VAL C 331 10.29 -1.98 10.71
N ARG C 332 10.39 -3.26 11.07
CA ARG C 332 9.47 -4.28 10.62
C ARG C 332 8.65 -4.84 11.78
N PRO C 333 7.46 -5.41 11.50
CA PRO C 333 6.79 -6.22 12.51
C PRO C 333 7.71 -7.36 12.93
N GLY C 334 7.78 -7.60 14.24
CA GLY C 334 8.91 -8.36 14.77
C GLY C 334 8.85 -9.85 14.58
N LEU C 335 7.72 -10.37 14.12
CA LEU C 335 7.55 -11.79 13.89
C LEU C 335 7.68 -12.18 12.42
N GLU C 336 7.91 -11.22 11.52
CA GLU C 336 7.95 -11.61 10.10
C GLU C 336 9.31 -12.21 9.76
N PRO C 337 9.33 -13.19 8.84
CA PRO C 337 10.58 -13.84 8.42
C PRO C 337 11.64 -12.85 7.97
N THR D 1 -13.05 10.81 24.02
CA THR D 1 -12.74 9.80 25.04
C THR D 1 -12.61 10.49 26.41
N THR D 2 -12.90 9.77 27.49
CA THR D 2 -12.61 10.26 28.82
C THR D 2 -12.35 9.08 29.75
N HIS D 3 -11.74 9.38 30.89
CA HIS D 3 -11.32 8.37 31.86
C HIS D 3 -11.66 8.85 33.26
N PHE D 4 -12.05 7.91 34.12
CA PHE D 4 -12.12 8.17 35.55
C PHE D 4 -11.59 6.98 36.34
N SER D 5 -11.10 7.28 37.55
CA SER D 5 -10.48 6.33 38.46
C SER D 5 -11.17 6.44 39.81
N ILE D 6 -11.49 5.29 40.41
CA ILE D 6 -12.14 5.26 41.71
C ILE D 6 -11.48 4.19 42.57
N VAL D 7 -11.30 4.50 43.84
CA VAL D 7 -10.89 3.55 44.85
C VAL D 7 -11.85 3.71 46.02
N ASP D 8 -12.34 2.59 46.58
CA ASP D 8 -13.18 2.69 47.76
C ASP D 8 -12.42 2.32 49.03
N LYS D 9 -13.08 2.53 50.17
CA LYS D 9 -12.43 2.37 51.48
C LYS D 9 -12.01 0.93 51.75
N ASP D 10 -12.50 -0.05 51.00
CA ASP D 10 -12.09 -1.44 51.16
C ASP D 10 -10.89 -1.80 50.31
N GLY D 11 -10.34 -0.86 49.55
CA GLY D 11 -9.22 -1.13 48.68
C GLY D 11 -9.61 -1.62 47.30
N ASN D 12 -10.90 -1.73 47.00
CA ASN D 12 -11.36 -2.07 45.67
C ASN D 12 -11.21 -0.87 44.75
N ALA D 13 -10.98 -1.13 43.45
CA ALA D 13 -10.68 -0.07 42.50
C ALA D 13 -11.32 -0.30 41.14
N VAL D 14 -11.70 0.80 40.50
CA VAL D 14 -12.22 0.81 39.14
C VAL D 14 -11.44 1.85 38.33
N SER D 15 -10.96 1.44 37.16
CA SER D 15 -10.34 2.36 36.20
C SER D 15 -11.13 2.19 34.91
N ASN D 16 -11.79 3.26 34.46
CA ASN D 16 -12.78 3.13 33.39
C ASN D 16 -12.51 4.18 32.33
N THR D 17 -12.22 3.74 31.11
CA THR D 17 -12.09 4.62 29.95
C THR D 17 -13.27 4.33 29.03
N TYR D 18 -14.01 5.37 28.64
CA TYR D 18 -15.05 5.13 27.65
C TYR D 18 -15.19 6.37 26.78
N THR D 19 -15.94 6.22 25.68
CA THR D 19 -15.75 7.16 24.58
C THR D 19 -16.89 7.04 23.56
N LEU D 20 -17.06 8.14 22.81
CA LEU D 20 -17.76 8.16 21.54
C LEU D 20 -16.79 8.09 20.35
N ASN D 21 -15.49 8.07 20.65
CA ASN D 21 -14.33 8.24 19.77
C ASN D 21 -14.05 9.74 19.69
N TRP D 22 -14.40 10.41 18.61
CA TRP D 22 -14.08 11.84 18.56
C TRP D 22 -15.09 12.63 19.39
N ASP D 23 -14.82 13.92 19.61
CA ASP D 23 -15.70 14.68 20.49
C ASP D 23 -17.11 14.69 19.94
N PHE D 24 -18.08 14.26 20.75
CA PHE D 24 -19.50 14.21 20.40
C PHE D 24 -19.78 13.15 19.35
N GLY D 25 -18.82 12.25 19.08
CA GLY D 25 -19.04 11.10 18.23
C GLY D 25 -19.39 11.45 16.80
N SER D 26 -20.38 10.71 16.28
CA SER D 26 -20.88 10.86 14.93
C SER D 26 -21.67 12.14 14.73
N GLY D 27 -22.03 12.83 15.81
CA GLY D 27 -22.89 14.01 15.74
C GLY D 27 -24.37 13.70 15.62
N VAL D 28 -24.70 12.41 15.49
CA VAL D 28 -26.09 11.95 15.36
C VAL D 28 -26.65 11.74 16.75
N VAL D 29 -27.74 12.43 17.05
CA VAL D 29 -28.49 12.24 18.28
C VAL D 29 -29.71 11.39 17.97
N VAL D 30 -29.98 10.41 18.83
CA VAL D 30 -31.16 9.55 18.65
C VAL D 30 -32.40 10.37 19.01
N LYS D 31 -33.16 10.76 17.98
CA LYS D 31 -34.38 11.55 18.19
C LYS D 31 -35.31 10.90 19.22
N GLY D 32 -35.76 11.70 20.18
CA GLY D 32 -36.64 11.24 21.25
C GLY D 32 -35.94 10.65 22.45
N ALA D 33 -34.66 10.32 22.32
CA ALA D 33 -33.90 9.72 23.41
C ALA D 33 -32.79 10.62 23.90
N GLY D 34 -32.29 11.50 23.05
CA GLY D 34 -31.39 12.57 23.46
C GLY D 34 -29.94 12.20 23.65
N PHE D 35 -29.48 11.01 23.28
CA PHE D 35 -28.06 10.70 23.41
C PHE D 35 -27.38 10.61 22.04
N LEU D 36 -26.08 10.86 22.06
CA LEU D 36 -25.27 10.84 20.86
C LEU D 36 -24.77 9.44 20.54
N LEU D 37 -24.63 9.16 19.25
CA LEU D 37 -24.07 7.90 18.79
C LEU D 37 -22.59 8.10 18.48
N ASN D 38 -21.79 7.10 18.83
CA ASN D 38 -20.35 7.09 18.58
C ASN D 38 -20.00 7.17 17.09
N ASP D 39 -18.74 7.51 16.81
CA ASP D 39 -18.16 7.25 15.48
C ASP D 39 -16.94 6.35 15.64
N GLU D 40 -17.14 5.27 16.40
CA GLU D 40 -16.07 4.32 16.68
C GLU D 40 -15.61 3.54 15.44
N MET D 41 -16.42 3.45 14.39
CA MET D 41 -16.01 2.67 13.23
C MET D 41 -14.71 3.17 12.61
N ASP D 42 -14.32 4.43 12.83
CA ASP D 42 -13.05 4.91 12.25
C ASP D 42 -11.84 4.26 12.91
N ASP D 43 -12.00 3.51 13.99
CA ASP D 43 -10.86 2.83 14.58
C ASP D 43 -10.54 1.53 13.86
N PHE D 44 -11.42 1.06 12.99
CA PHE D 44 -11.06 0.01 12.05
C PHE D 44 -10.11 0.58 11.00
N SER D 45 -9.41 -0.31 10.33
CA SER D 45 -8.74 0.06 9.11
C SER D 45 -9.77 0.08 7.98
N SER D 46 -9.99 1.26 7.38
CA SER D 46 -10.95 1.35 6.28
C SER D 46 -10.38 0.88 4.95
N LYS D 47 -9.06 0.91 4.80
CA LYS D 47 -8.36 0.54 3.60
C LYS D 47 -6.92 0.25 4.02
N PRO D 48 -6.33 -0.88 3.65
CA PRO D 48 -5.00 -1.20 4.15
C PRO D 48 -4.00 -0.07 3.91
N GLY D 49 -3.19 0.22 4.93
CA GLY D 49 -2.15 1.22 4.83
C GLY D 49 -2.61 2.67 4.82
N VAL D 50 -3.91 2.93 4.85
CA VAL D 50 -4.44 4.28 4.85
C VAL D 50 -4.73 4.67 6.30
N ALA D 51 -4.21 5.83 6.72
CA ALA D 51 -4.33 6.20 8.11
C ALA D 51 -5.74 6.67 8.46
N ASN D 52 -6.13 6.41 9.69
CA ASN D 52 -7.39 6.92 10.21
C ASN D 52 -7.15 8.29 10.86
N ALA D 53 -8.16 8.76 11.61
CA ALA D 53 -8.12 10.11 12.17
C ALA D 53 -6.99 10.33 13.15
N PHE D 54 -6.43 9.26 13.71
CA PHE D 54 -5.29 9.36 14.63
C PHE D 54 -3.97 9.06 13.94
N GLY D 55 -3.98 8.79 12.64
CA GLY D 55 -2.74 8.55 11.94
C GLY D 55 -2.26 7.12 11.98
N VAL D 56 -3.06 6.18 12.52
CA VAL D 56 -2.65 4.80 12.66
C VAL D 56 -3.20 4.00 11.48
N VAL D 57 -2.50 2.91 11.15
CA VAL D 57 -2.85 2.09 10.00
C VAL D 57 -3.05 0.64 10.43
N GLY D 58 -3.54 -0.17 9.49
CA GLY D 58 -3.77 -1.57 9.74
C GLY D 58 -3.97 -2.29 8.43
N SER D 59 -4.30 -3.57 8.54
CA SER D 59 -4.57 -4.40 7.37
C SER D 59 -5.63 -5.42 7.78
N ASP D 60 -5.34 -6.71 7.70
CA ASP D 60 -6.41 -7.70 7.85
C ASP D 60 -6.91 -7.79 9.29
N ALA D 61 -5.99 -7.80 10.26
CA ALA D 61 -6.36 -8.08 11.64
C ALA D 61 -7.44 -7.12 12.13
N ASN D 62 -7.36 -5.86 11.70
CA ASN D 62 -8.27 -4.81 12.14
C ASN D 62 -9.12 -4.27 10.98
N ALA D 63 -9.31 -5.08 9.94
CA ALA D 63 -10.28 -4.72 8.90
C ALA D 63 -11.70 -4.87 9.43
N ILE D 64 -12.62 -4.17 8.77
CA ILE D 64 -14.03 -4.20 9.15
C ILE D 64 -14.62 -5.57 8.85
N GLU D 65 -15.27 -6.15 9.85
CA GLU D 65 -16.05 -7.38 9.68
C GLU D 65 -17.28 -7.26 10.58
N PRO D 66 -18.41 -7.85 10.16
CA PRO D 66 -19.60 -7.80 11.02
C PRO D 66 -19.34 -8.42 12.38
N GLY D 67 -19.84 -7.75 13.42
CA GLY D 67 -19.78 -8.26 14.79
C GLY D 67 -18.45 -8.07 15.48
N LYS D 68 -17.50 -7.42 14.81
CA LYS D 68 -16.12 -7.30 15.26
C LYS D 68 -15.93 -6.04 16.07
N ARG D 69 -15.09 -6.14 17.11
CA ARG D 69 -14.64 -4.98 17.87
C ARG D 69 -13.45 -4.33 17.18
N MET D 70 -13.55 -3.03 17.01
CA MET D 70 -12.48 -2.27 16.37
C MET D 70 -11.35 -2.04 17.36
N LEU D 71 -10.12 -2.20 16.87
CA LEU D 71 -8.93 -2.02 17.70
C LEU D 71 -8.96 -0.68 18.42
N SER D 72 -8.64 -0.72 19.72
CA SER D 72 -8.61 0.47 20.55
C SER D 72 -7.19 0.72 21.02
N SER D 73 -6.98 1.93 21.53
CA SER D 73 -5.78 2.26 22.29
C SER D 73 -6.09 2.51 23.77
N MET D 74 -7.38 2.47 24.15
CA MET D 74 -7.77 2.75 25.51
C MET D 74 -7.15 1.73 26.44
N SER D 75 -6.55 2.20 27.53
CA SER D 75 -5.75 1.37 28.44
C SER D 75 -6.02 1.71 29.90
N PRO D 76 -7.26 1.57 30.38
CA PRO D 76 -7.52 1.78 31.81
C PRO D 76 -6.69 0.82 32.63
N SER D 77 -5.97 1.36 33.63
CA SER D 77 -4.92 0.63 34.30
C SER D 77 -5.02 0.70 35.82
N ILE D 78 -4.55 -0.36 36.47
CA ILE D 78 -4.47 -0.44 37.91
C ILE D 78 -3.12 -1.07 38.23
N VAL D 79 -2.31 -0.37 39.01
CA VAL D 79 -1.04 -0.93 39.49
C VAL D 79 -1.24 -1.43 40.90
N THR D 80 -0.69 -2.60 41.19
CA THR D 80 -0.71 -3.14 42.53
C THR D 80 0.71 -3.40 42.98
N ARG D 81 0.89 -3.45 44.30
CA ARG D 81 2.15 -3.80 44.90
C ARG D 81 1.77 -4.50 46.20
N ASP D 82 2.27 -5.71 46.38
CA ASP D 82 1.93 -6.53 47.55
C ASP D 82 0.47 -6.96 47.53
N GLY D 83 -0.09 -7.15 46.34
CA GLY D 83 -1.48 -7.51 46.22
C GLY D 83 -2.44 -6.45 46.71
N HIS D 84 -1.98 -5.21 46.87
CA HIS D 84 -2.84 -4.08 47.18
C HIS D 84 -2.73 -3.03 46.09
N VAL D 85 -3.84 -2.35 45.83
CA VAL D 85 -3.86 -1.28 44.84
C VAL D 85 -2.92 -0.17 45.30
N SER D 86 -2.07 0.29 44.38
CA SER D 86 -1.14 1.38 44.64
C SER D 86 -1.34 2.58 43.73
N LEU D 87 -1.80 2.38 42.50
CA LEU D 87 -1.97 3.46 41.54
C LEU D 87 -3.05 3.10 40.54
N VAL D 88 -4.00 4.01 40.31
CA VAL D 88 -5.08 3.79 39.37
C VAL D 88 -5.00 4.95 38.39
N LEU D 89 -4.96 4.64 37.09
CA LEU D 89 -4.79 5.74 36.13
C LEU D 89 -5.28 5.33 34.76
N GLY D 90 -5.60 6.34 33.96
CA GLY D 90 -5.96 6.16 32.56
C GLY D 90 -6.15 7.53 31.96
N THR D 91 -6.45 7.52 30.66
CA THR D 91 -6.52 8.77 29.93
C THR D 91 -7.22 8.58 28.61
N PRO D 92 -7.85 9.65 28.07
CA PRO D 92 -8.17 9.72 26.64
C PRO D 92 -6.93 10.05 25.81
N GLY D 93 -7.10 10.07 24.48
CA GLY D 93 -6.03 10.51 23.61
C GLY D 93 -5.85 9.69 22.34
N GLY D 94 -6.82 8.84 21.99
CA GLY D 94 -6.65 7.95 20.85
C GLY D 94 -5.32 7.20 20.88
N SER D 95 -4.56 7.33 19.79
CA SER D 95 -3.34 6.56 19.66
C SER D 95 -2.22 7.05 20.57
N ARG D 96 -2.46 8.12 21.30
CA ARG D 96 -1.55 8.63 22.31
C ARG D 96 -1.79 8.03 23.70
N ILE D 97 -2.82 7.22 23.87
CA ILE D 97 -3.24 6.85 25.22
C ILE D 97 -2.15 6.07 25.94
N PHE D 98 -1.65 5.00 25.31
CA PHE D 98 -0.74 4.13 26.07
C PHE D 98 0.67 4.74 26.12
N THR D 99 1.05 5.57 25.14
CA THR D 99 2.33 6.26 25.31
C THR D 99 2.24 7.31 26.41
N SER D 100 1.06 7.92 26.61
CA SER D 100 0.92 8.87 27.71
C SER D 100 0.96 8.14 29.06
N ILE D 101 0.22 7.03 29.18
CA ILE D 101 0.30 6.24 30.41
C ILE D 101 1.75 5.79 30.67
N PHE D 102 2.46 5.33 29.63
CA PHE D 102 3.87 4.96 29.77
C PHE D 102 4.68 6.10 30.36
N GLN D 103 4.51 7.31 29.82
CA GLN D 103 5.27 8.45 30.32
C GLN D 103 4.94 8.74 31.78
N VAL D 104 3.67 8.71 32.15
CA VAL D 104 3.31 8.94 33.55
C VAL D 104 3.92 7.88 34.45
N LEU D 105 3.91 6.62 34.02
CA LEU D 105 4.53 5.56 34.80
C LEU D 105 6.03 5.81 34.95
N ASN D 106 6.70 6.20 33.86
CA ASN D 106 8.12 6.53 33.98
C ASN D 106 8.34 7.65 34.98
N ASN D 107 7.46 8.65 34.94
CA ASN D 107 7.62 9.80 35.81
C ASN D 107 7.46 9.43 37.27
N VAL D 108 6.50 8.56 37.57
CA VAL D 108 6.27 8.11 38.94
C VAL D 108 7.33 7.13 39.40
N TYR D 109 7.65 6.12 38.59
CA TYR D 109 8.46 4.99 39.05
C TYR D 109 9.95 5.12 38.75
N ASP D 110 10.34 5.89 37.73
CA ASP D 110 11.76 6.05 37.41
C ASP D 110 12.29 7.40 37.87
N PHE D 111 11.57 8.48 37.60
CA PHE D 111 11.97 9.80 38.08
C PHE D 111 11.44 10.12 39.48
N HIS D 112 10.57 9.28 40.03
CA HIS D 112 10.06 9.43 41.41
C HIS D 112 9.45 10.80 41.66
N LEU D 113 8.77 11.33 40.66
CA LEU D 113 8.08 12.58 40.82
C LEU D 113 6.82 12.44 41.67
N PRO D 114 6.46 13.48 42.41
CA PRO D 114 5.14 13.52 43.02
C PRO D 114 4.09 13.32 41.94
N LEU D 115 3.00 12.69 42.32
CA LEU D 115 1.98 12.35 41.33
C LEU D 115 1.55 13.58 40.53
N GLU D 116 1.37 14.73 41.19
CA GLU D 116 0.87 15.90 40.48
C GLU D 116 1.88 16.34 39.42
N LYS D 117 3.17 16.30 39.76
CA LYS D 117 4.21 16.63 38.78
C LYS D 117 4.30 15.59 37.67
N ALA D 118 4.13 14.32 38.00
CA ALA D 118 4.20 13.28 36.98
C ALA D 118 3.11 13.45 35.93
N VAL D 119 1.92 13.90 36.35
CA VAL D 119 0.78 14.10 35.44
C VAL D 119 0.90 15.42 34.69
N ALA D 120 1.43 16.45 35.35
CA ALA D 120 1.56 17.77 34.75
C ALA D 120 2.70 17.86 33.74
N ALA D 121 3.68 16.97 33.83
CA ALA D 121 4.85 17.02 32.96
C ALA D 121 4.48 16.98 31.48
N GLN D 122 5.26 17.69 30.68
CA GLN D 122 5.22 17.55 29.22
C GLN D 122 5.18 16.09 28.81
N ARG D 123 4.32 15.78 27.82
CA ARG D 123 4.24 14.48 27.18
C ARG D 123 4.32 14.66 25.68
N VAL D 124 5.02 13.74 25.02
CA VAL D 124 5.12 13.77 23.57
C VAL D 124 4.82 12.37 23.04
N HIS D 125 4.71 12.28 21.72
CA HIS D 125 4.24 11.05 21.11
C HIS D 125 4.86 10.83 19.73
N HIS D 126 5.26 9.60 19.48
CA HIS D 126 5.72 9.15 18.17
C HIS D 126 5.05 7.80 17.90
N GLN D 127 4.72 7.56 16.62
CA GLN D 127 3.99 6.34 16.30
C GLN D 127 4.40 5.72 14.96
N LEU D 128 5.66 5.89 14.57
CA LEU D 128 6.25 5.31 13.36
C LEU D 128 5.77 6.01 12.11
N LEU D 129 4.44 6.04 11.91
CA LEU D 129 3.83 6.82 10.85
C LEU D 129 2.93 7.87 11.48
N PRO D 130 3.07 9.16 11.10
CA PRO D 130 3.96 9.70 10.06
C PRO D 130 5.44 9.61 10.40
N LYS D 131 6.24 9.43 9.36
CA LYS D 131 7.67 9.14 9.53
C LYS D 131 8.34 10.22 10.37
N ASP D 132 9.07 9.77 11.40
CA ASP D 132 9.92 10.61 12.24
C ASP D 132 9.22 11.87 12.75
N THR D 133 7.92 11.76 12.99
CA THR D 133 7.13 12.89 13.46
C THR D 133 6.84 12.71 14.94
N ILE D 134 7.21 13.72 15.73
CA ILE D 134 6.93 13.71 17.17
C ILE D 134 5.88 14.77 17.45
N TYR D 135 4.78 14.35 18.08
CA TYR D 135 3.65 15.22 18.37
C TYR D 135 3.78 15.78 19.78
N TYR D 136 3.36 17.03 19.94
CA TYR D 136 3.26 17.69 21.23
C TYR D 136 1.95 18.45 21.28
N ASP D 137 1.61 18.97 22.45
CA ASP D 137 0.41 19.79 22.61
C ASP D 137 0.79 21.22 23.01
N ALA D 138 -0.22 22.09 22.93
CA ALA D 138 -0.02 23.50 23.24
C ALA D 138 0.10 23.72 24.73
N TYR D 139 -0.29 22.75 25.54
CA TYR D 139 -0.13 22.83 26.98
C TYR D 139 1.35 22.85 27.38
N ALA D 140 2.16 22.06 26.68
CA ALA D 140 3.59 21.92 26.99
C ALA D 140 4.34 21.69 25.68
N PRO D 141 4.41 22.70 24.83
CA PRO D 141 5.00 22.49 23.51
C PRO D 141 6.49 22.18 23.60
N LEU D 142 6.96 21.40 22.65
CA LEU D 142 8.40 21.23 22.49
C LEU D 142 9.00 22.53 22.02
N THR D 143 10.01 23.03 22.75
CA THR D 143 10.62 24.29 22.41
C THR D 143 12.06 24.30 22.88
N GLY D 144 12.76 25.35 22.47
CA GLY D 144 14.09 25.60 22.99
C GLY D 144 15.11 24.55 22.60
N LYS D 145 16.06 24.34 23.52
CA LYS D 145 17.20 23.45 23.29
C LYS D 145 16.75 22.06 22.83
N VAL D 146 15.79 21.47 23.54
CA VAL D 146 15.39 20.10 23.22
C VAL D 146 14.78 20.00 21.83
N ALA D 147 13.92 20.95 21.46
CA ALA D 147 13.33 20.95 20.13
C ALA D 147 14.40 21.06 19.04
N ASP D 148 15.36 21.96 19.22
CA ASP D 148 16.44 22.10 18.24
C ASP D 148 17.25 20.82 18.13
N GLU D 149 17.52 20.18 19.27
CA GLU D 149 18.34 18.97 19.24
C GLU D 149 17.59 17.83 18.55
N LEU D 150 16.29 17.70 18.79
CA LEU D 150 15.49 16.68 18.12
C LEU D 150 15.40 16.93 16.61
N LYS D 151 15.12 18.17 16.22
CA LYS D 151 15.08 18.50 14.81
C LYS D 151 16.43 18.23 14.15
N ALA D 152 17.52 18.55 14.85
CA ALA D 152 18.85 18.32 14.26
C ALA D 152 19.10 16.85 13.97
N MET D 153 18.45 15.95 14.72
CA MET D 153 18.56 14.51 14.53
C MET D 153 17.74 14.02 13.35
N GLY D 154 16.78 14.81 12.91
CA GLY D 154 15.97 14.43 11.78
C GLY D 154 14.50 14.33 12.10
N TYR D 155 14.10 14.71 13.32
CA TYR D 155 12.68 14.66 13.67
C TYR D 155 11.93 15.88 13.15
N THR D 156 10.69 15.66 12.75
CA THR D 156 9.72 16.72 12.52
C THR D 156 8.85 16.83 13.77
N LEU D 157 8.67 18.04 14.28
CA LEU D 157 7.89 18.27 15.49
C LEU D 157 6.59 18.96 15.10
N GLU D 158 5.47 18.44 15.61
N GLU D 158 5.46 18.44 15.58
CA GLU D 158 4.16 18.94 15.20
CA GLU D 158 4.17 18.98 15.18
C GLU D 158 3.25 19.11 16.40
C GLU D 158 3.24 19.11 16.37
N ASP D 159 2.63 20.29 16.50
CA ASP D 159 1.55 20.49 17.46
C ASP D 159 0.33 19.77 16.90
N GLN D 160 -0.15 18.76 17.62
CA GLN D 160 -1.27 17.97 17.08
C GLN D 160 -2.59 18.70 17.20
N GLY D 161 -2.65 19.80 17.95
CA GLY D 161 -3.84 20.64 17.99
C GLY D 161 -4.85 20.25 19.03
N TRP D 162 -4.53 19.34 19.92
CA TRP D 162 -5.37 18.99 21.04
C TRP D 162 -4.47 18.44 22.15
N ASN D 163 -4.95 18.52 23.37
CA ASN D 163 -4.06 18.24 24.47
C ASN D 163 -3.75 16.73 24.51
N MET D 164 -2.55 16.43 25.00
N MET D 164 -2.53 16.42 24.93
CA MET D 164 -1.94 15.09 24.99
CA MET D 164 -2.03 15.05 24.89
C MET D 164 -2.46 14.29 26.17
C MET D 164 -2.49 14.31 26.15
N GLY D 165 -3.76 13.97 26.13
CA GLY D 165 -4.38 13.24 27.22
C GLY D 165 -5.01 14.09 28.30
N ASP D 166 -5.48 13.38 29.31
CA ASP D 166 -6.22 13.95 30.43
C ASP D 166 -6.22 12.86 31.49
N ILE D 167 -5.04 12.63 32.06
CA ILE D 167 -4.84 11.60 33.07
C ILE D 167 -5.70 11.91 34.29
N GLN D 168 -6.39 10.89 34.78
CA GLN D 168 -7.08 10.94 36.06
C GLN D 168 -6.55 9.79 36.89
N ALA D 169 -5.87 10.11 37.98
CA ALA D 169 -5.14 9.11 38.73
C ALA D 169 -5.42 9.19 40.22
N ILE D 170 -5.25 8.04 40.86
CA ILE D 170 -5.30 7.93 42.31
C ILE D 170 -4.07 7.14 42.73
N ARG D 171 -3.36 7.65 43.73
CA ARG D 171 -2.22 6.97 44.33
C ARG D 171 -2.58 6.60 45.75
N VAL D 172 -2.23 5.37 46.14
CA VAL D 172 -2.50 4.86 47.47
C VAL D 172 -1.16 4.72 48.19
N ASN D 173 -1.05 5.36 49.35
CA ASN D 173 0.16 5.35 50.16
C ASN D 173 -0.25 4.84 51.54
N GLY D 174 -0.16 3.52 51.72
CA GLY D 174 -0.66 2.88 52.92
C GLY D 174 -2.16 2.95 52.99
N LYS D 175 -2.70 3.58 54.03
CA LYS D 175 -4.12 3.84 54.13
C LYS D 175 -4.51 5.19 53.54
N ALA D 176 -3.55 5.98 53.09
CA ALA D 176 -3.79 7.32 52.61
C ALA D 176 -3.94 7.35 51.09
N LEU D 177 -4.79 8.26 50.62
CA LEU D 177 -5.10 8.39 49.21
C LEU D 177 -4.84 9.82 48.76
N GLU D 178 -4.37 9.96 47.52
CA GLU D 178 -4.23 11.26 46.88
C GLU D 178 -4.73 11.14 45.45
N THR D 179 -5.32 12.23 44.95
CA THR D 179 -5.83 12.23 43.58
C THR D 179 -5.00 13.19 42.74
N ALA D 180 -5.00 12.96 41.44
CA ALA D 180 -4.40 13.89 40.50
C ALA D 180 -5.29 13.96 39.27
N SER D 181 -5.68 15.17 38.92
CA SER D 181 -6.45 15.45 37.73
C SER D 181 -5.58 16.29 36.79
N ASP D 182 -5.51 15.88 35.55
CA ASP D 182 -4.56 16.50 34.61
C ASP D 182 -4.86 17.97 34.45
N PRO D 183 -3.87 18.87 34.62
CA PRO D 183 -4.13 20.27 34.31
C PRO D 183 -4.53 20.53 32.86
N ARG D 184 -4.42 19.55 31.98
CA ARG D 184 -4.85 19.72 30.59
C ARG D 184 -6.37 19.79 30.48
N GLY D 185 -7.09 19.27 31.47
CA GLY D 185 -8.54 19.29 31.42
C GLY D 185 -9.16 19.87 32.67
N ARG D 186 -10.44 19.57 32.92
CA ARG D 186 -11.22 20.19 33.99
C ARG D 186 -11.58 19.22 35.10
N GLY D 187 -10.78 18.17 35.24
CA GLY D 187 -11.06 17.13 36.20
C GLY D 187 -10.96 17.59 37.64
N VAL D 188 -11.65 16.84 38.49
CA VAL D 188 -11.69 17.07 39.93
C VAL D 188 -11.49 15.74 40.64
N GLY D 189 -10.67 15.78 41.69
CA GLY D 189 -10.49 14.65 42.56
C GLY D 189 -11.03 14.97 43.94
N MET D 190 -11.55 13.96 44.61
CA MET D 190 -12.03 14.10 45.98
C MET D 190 -11.65 12.85 46.73
N VAL D 191 -11.20 13.03 47.96
CA VAL D 191 -11.04 11.92 48.89
C VAL D 191 -12.22 11.96 49.84
N VAL D 192 -12.87 10.81 50.00
CA VAL D 192 -14.12 10.70 50.73
C VAL D 192 -13.83 9.89 51.99
N LYS D 193 -13.78 10.56 53.13
CA LYS D 193 -13.48 9.89 54.39
C LYS D 193 -14.77 9.51 55.13
N PRO D 194 -14.97 8.21 55.40
CA PRO D 194 -16.17 7.84 56.17
#